data_8ULB
#
_entry.id   8ULB
#
_cell.length_a   119.151
_cell.length_b   179.546
_cell.length_c   236.481
_cell.angle_alpha   90.00
_cell.angle_beta   90.00
_cell.angle_gamma   90.00
#
_symmetry.space_group_name_H-M   'I 2 2 2'
#
loop_
_entity.id
_entity.type
_entity.pdbx_description
1 polymer 'Lysine-specific histone demethylase 1A'
2 polymer 'REST corepressor 1'
3 non-polymer '[(2R,3S,4R,5R)-5-(6-amino-9H-purin-9-yl)-3,4-dihydroxyoxolan-2-yl]methyl (2R,3S,4S)-5-[(1R,3S,3aS,13R)-3-[3-(dimethylcarbamoyl)phenyl]-1-hydroxy-10,11-dimethyl-4,6-dioxo-2,3,5,6-tetrahydro-1H-benzo[g]pyrrolo[2,1-e]pteridin-8(4H)-yl]-2,3,4-trihydroxypentyl dihydrogen diphosphate (non-preferred name)'
#
loop_
_entity_poly.entity_id
_entity_poly.type
_entity_poly.pdbx_seq_one_letter_code
_entity_poly.pdbx_strand_id
1 'polypeptide(L)'
;GSSHHHHHHSSGLVPRGSHMLSGKKAAAAAAAAAAAATGTEAGPGTAGGSENGSEVAAQPAGLSGPAEVGPGAVGERTPR
KKEPPRASPPGGLAEPPGSAGPQAGPTVVPGSATPMETGIAETPEGRRTSRRKRAKVEYREMDESLANLSEDEYYSEEER
NAKAEKEKKLPPPPPQAPPEEENESEPEEPSGVEGAAFQSRLPHDRMTSQEAACFPDIISGPQQTQKVFLFIRNRTLQLW
LDNPKIQLTFEATLQQLEAPYNSDTVLVHRVHSYLERHGLINFGIYKRIKPLPTKKTGKVIIIGSGVSGLAAARQLQSFG
MDVTLLEARDRVGGRVATFRKGNYVADLGAMVVTGLGGNPMAVVSKQVNMELAKIKQKCPLYEANGQAVPKEKDEMVEQE
FNRLLEATSYLSHQLDFNVLNNKPVSLGQALEVVIQLQEKHVKDEQIEHWKKIVKTQEELKELLNKMVNLKEKIKELHQQ
YKEASEVKPPRDITAEFLVKSKHRDLTALCKEYDELAETQGKLEEKLQELEANPPSDVYLSSRDRQILDWHFANLEFANA
TPLSTLSLKHWDQDDDFEFTGSHLTVRNGYSCVPVALAEGLDIKLNTAVRQVRYTASGCEVIAVNTRSTSQTFIYKCDAV
LCTLPLGVLKQQPPAVQFVPPLPEWKTSAVQRMGFGNLNKVVLCFDRVFWDPSVNLFGHVGSTTASRGELFLFWNLYKAP
ILLALVAGEAAGIMENISDDVIVGRCLAILKGIFGSSAVPQPKETVVSRWRADPWARGSYSYVAAGSSGNDYDLMAQPIT
PGPSIPGAPQPIPRLFFAGEHTIRNYPATVHGALLSGLREAGRIADQFLGAMYTLPRQATPGVPAQQSPSM
;
A
2 'polypeptide(L)'
;GPLGSPEFRAKRKPPKGMFLSQEDVEAVSANATAATTVLRQLDMELVSVKRQIQNIKQTNSALKEKLDGGIEPYRLPEVI
QKCNARWTTEEQLLAVQAIRKYGRDFQAISDVIGNKSVVQVKNFFVNYRRRFNIDEVLQEWEAE
;
B
#
# COMPACT_ATOMS: atom_id res chain seq x y z
N PRO A 190 20.88 -19.11 -2.70
CA PRO A 190 21.82 -19.92 -1.88
C PRO A 190 22.05 -21.36 -2.42
N SER A 191 23.29 -21.86 -2.31
CA SER A 191 23.72 -23.15 -2.84
C SER A 191 24.54 -23.93 -1.80
N GLY A 192 24.71 -25.22 -2.07
CA GLY A 192 25.38 -26.09 -1.11
C GLY A 192 24.38 -26.71 -0.15
N VAL A 193 24.90 -27.22 0.98
CA VAL A 193 23.98 -27.77 1.98
C VAL A 193 23.17 -26.64 2.59
N GLU A 194 23.69 -25.41 2.54
CA GLU A 194 22.94 -24.26 3.03
C GLU A 194 21.73 -23.96 2.16
N GLY A 195 21.81 -24.24 0.86
CA GLY A 195 20.67 -24.03 0.00
C GLY A 195 19.55 -25.00 0.28
N ALA A 196 19.92 -26.24 0.65
CA ALA A 196 18.92 -27.23 1.03
C ALA A 196 18.09 -26.73 2.21
N ALA A 197 18.75 -26.19 3.24
CA ALA A 197 18.01 -25.64 4.37
C ALA A 197 17.04 -24.55 3.91
N PHE A 198 17.53 -23.61 3.10
CA PHE A 198 16.67 -22.53 2.62
C PHE A 198 15.55 -23.06 1.72
N GLN A 199 15.88 -23.98 0.81
CA GLN A 199 14.86 -24.58 -0.04
C GLN A 199 13.87 -25.42 0.76
N SER A 200 14.19 -25.74 2.02
CA SER A 200 13.26 -26.40 2.94
C SER A 200 12.68 -25.45 3.98
N ARG A 201 12.79 -24.14 3.76
CA ARG A 201 12.23 -23.13 4.66
C ARG A 201 12.80 -23.28 6.07
N LEU A 202 14.08 -23.65 6.17
CA LEU A 202 14.74 -23.87 7.44
C LEU A 202 16.02 -23.05 7.54
N PRO A 203 16.28 -22.41 8.69
CA PRO A 203 17.57 -21.72 8.86
C PRO A 203 18.71 -22.74 8.95
N HIS A 204 19.75 -22.55 8.12
CA HIS A 204 20.80 -23.57 8.06
C HIS A 204 21.66 -23.62 9.32
N ASP A 205 21.69 -22.54 10.12
CA ASP A 205 22.65 -22.39 11.20
C ASP A 205 22.03 -22.41 12.58
N ARG A 206 20.74 -22.63 12.70
CA ARG A 206 20.06 -22.51 13.96
C ARG A 206 19.03 -23.64 14.01
N MET A 207 18.74 -24.15 15.21
CA MET A 207 17.76 -25.23 15.35
C MET A 207 16.35 -24.66 15.57
N THR A 208 15.36 -25.21 14.87
CA THR A 208 14.00 -24.68 14.88
C THR A 208 13.25 -25.11 16.14
N SER A 209 12.16 -24.41 16.41
CA SER A 209 11.34 -24.72 17.60
C SER A 209 10.91 -26.20 17.59
N GLN A 210 10.63 -26.73 16.40
CA GLN A 210 10.21 -28.11 16.25
C GLN A 210 11.35 -29.10 16.53
N GLU A 211 12.53 -28.82 15.98
CA GLU A 211 13.68 -29.71 16.20
C GLU A 211 14.10 -29.70 17.65
N ALA A 212 13.92 -28.57 18.32
CA ALA A 212 14.06 -28.57 19.77
C ALA A 212 13.16 -29.61 20.42
N ALA A 213 11.94 -29.75 19.92
CA ALA A 213 11.00 -30.65 20.58
C ALA A 213 11.35 -32.12 20.36
N CYS A 214 11.88 -32.48 19.19
CA CYS A 214 12.33 -33.85 19.00
C CYS A 214 13.74 -34.11 19.48
N PHE A 215 14.60 -33.09 19.59
CA PHE A 215 15.98 -33.32 19.99
C PHE A 215 16.35 -32.46 21.20
N PRO A 216 15.54 -32.48 22.27
CA PRO A 216 15.80 -31.56 23.39
C PRO A 216 17.10 -31.84 24.11
N ASP A 217 17.71 -33.01 23.88
CA ASP A 217 19.07 -33.24 24.35
C ASP A 217 20.06 -32.34 23.60
N ILE A 218 19.93 -32.27 22.27
CA ILE A 218 20.97 -31.63 21.47
C ILE A 218 20.91 -30.12 21.59
N ILE A 219 19.72 -29.56 21.75
CA ILE A 219 19.59 -28.10 21.79
C ILE A 219 20.07 -27.54 23.12
N SER A 220 19.81 -28.25 24.22
CA SER A 220 20.42 -27.87 25.49
C SER A 220 21.89 -28.26 25.56
N GLY A 221 22.35 -29.04 24.56
CA GLY A 221 23.67 -29.64 24.57
C GLY A 221 24.73 -28.69 24.11
N PRO A 222 25.97 -29.17 24.14
CA PRO A 222 27.11 -28.34 23.73
C PRO A 222 27.00 -27.87 22.28
N GLN A 223 27.49 -26.65 22.07
CA GLN A 223 27.26 -25.98 20.80
C GLN A 223 27.84 -26.78 19.63
N GLN A 224 28.80 -27.67 19.90
CA GLN A 224 29.40 -28.43 18.81
C GLN A 224 28.45 -29.48 18.26
N THR A 225 27.82 -30.24 19.16
CA THR A 225 26.83 -31.21 18.71
C THR A 225 25.75 -30.56 17.85
N GLN A 226 25.35 -29.33 18.19
CA GLN A 226 24.32 -28.69 17.39
C GLN A 226 24.78 -28.53 15.95
N LYS A 227 26.02 -28.07 15.75
CA LYS A 227 26.51 -27.93 14.38
C LYS A 227 26.57 -29.27 13.67
N VAL A 228 26.99 -30.32 14.37
CA VAL A 228 26.94 -31.65 13.77
C VAL A 228 25.53 -31.94 13.29
N PHE A 229 24.57 -31.91 14.23
CA PHE A 229 23.19 -32.17 13.91
C PHE A 229 22.74 -31.33 12.73
N LEU A 230 23.01 -30.02 12.81
CA LEU A 230 22.54 -29.09 11.80
C LEU A 230 23.09 -29.47 10.43
N PHE A 231 24.34 -29.93 10.40
CA PHE A 231 24.91 -30.40 9.13
C PHE A 231 24.19 -31.66 8.64
N ILE A 232 23.99 -32.61 9.54
CA ILE A 232 23.38 -33.88 9.14
C ILE A 232 22.01 -33.62 8.55
N ARG A 233 21.26 -32.67 9.15
CA ARG A 233 19.95 -32.28 8.61
C ARG A 233 20.09 -31.65 7.23
N ASN A 234 20.98 -30.66 7.12
CA ASN A 234 21.11 -29.90 5.88
C ASN A 234 21.55 -30.83 4.76
N ARG A 235 22.55 -31.67 5.05
CA ARG A 235 23.03 -32.64 4.08
C ARG A 235 21.90 -33.55 3.60
N THR A 236 21.15 -34.15 4.54
CA THR A 236 20.09 -35.06 4.14
C THR A 236 19.03 -34.35 3.30
N LEU A 237 18.67 -33.12 3.69
CA LEU A 237 17.79 -32.33 2.84
C LEU A 237 18.37 -32.21 1.43
N GLN A 238 19.66 -31.89 1.35
CA GLN A 238 20.33 -31.81 0.05
C GLN A 238 20.18 -33.10 -0.74
N LEU A 239 20.46 -34.24 -0.12
CA LEU A 239 20.33 -35.50 -0.85
C LEU A 239 18.94 -35.64 -1.42
N TRP A 240 17.92 -35.44 -0.57
CA TRP A 240 16.55 -35.59 -1.03
C TRP A 240 16.28 -34.61 -2.17
N LEU A 241 16.71 -33.37 -1.99
CA LEU A 241 16.38 -32.31 -2.91
C LEU A 241 17.02 -32.55 -4.27
N ASP A 242 18.27 -33.05 -4.28
CA ASP A 242 19.00 -33.23 -5.52
C ASP A 242 18.37 -34.30 -6.40
N ASN A 243 17.74 -35.29 -5.80
CA ASN A 243 16.90 -36.10 -6.66
C ASN A 243 15.66 -36.46 -5.85
N PRO A 244 14.50 -35.95 -6.25
CA PRO A 244 13.29 -36.21 -5.49
C PRO A 244 12.38 -37.19 -6.20
N LYS A 245 12.89 -37.96 -7.16
CA LYS A 245 12.02 -38.98 -7.74
C LYS A 245 12.18 -40.35 -7.09
N ILE A 246 13.11 -40.50 -6.15
CA ILE A 246 13.35 -41.78 -5.49
C ILE A 246 13.37 -41.58 -3.99
N GLN A 247 12.93 -42.60 -3.27
CA GLN A 247 12.94 -42.56 -1.83
C GLN A 247 14.37 -42.42 -1.34
N LEU A 248 14.56 -41.66 -0.28
CA LEU A 248 15.87 -41.53 0.35
C LEU A 248 15.86 -42.39 1.61
N THR A 249 16.40 -43.60 1.50
CA THR A 249 16.49 -44.50 2.65
C THR A 249 17.59 -44.07 3.61
N PHE A 250 17.41 -44.47 4.86
CA PHE A 250 18.40 -44.14 5.90
C PHE A 250 19.76 -44.69 5.52
N GLU A 251 19.78 -45.91 4.99
CA GLU A 251 21.01 -46.54 4.55
C GLU A 251 21.69 -45.69 3.48
N ALA A 252 20.93 -45.31 2.44
CA ALA A 252 21.46 -44.43 1.41
C ALA A 252 22.07 -43.16 2.00
N THR A 253 21.41 -42.58 3.00
CA THR A 253 21.87 -41.32 3.58
C THR A 253 23.18 -41.50 4.31
N LEU A 254 23.30 -42.57 5.09
CA LEU A 254 24.51 -42.78 5.86
C LEU A 254 25.69 -43.04 4.95
N GLN A 255 25.42 -43.59 3.76
CA GLN A 255 26.48 -43.84 2.80
C GLN A 255 27.11 -42.54 2.31
N GLN A 256 26.29 -41.60 1.78
CA GLN A 256 26.92 -40.33 1.37
C GLN A 256 27.33 -39.43 2.53
N LEU A 257 27.00 -39.74 3.78
CA LEU A 257 27.72 -39.00 4.81
C LEU A 257 29.16 -39.46 4.96
N GLU A 258 29.97 -38.55 5.48
CA GLU A 258 31.39 -38.75 5.71
C GLU A 258 31.71 -38.38 7.14
N ALA A 259 32.76 -39.02 7.66
CA ALA A 259 33.21 -38.70 9.01
C ALA A 259 33.59 -37.22 9.09
N PRO A 260 33.52 -36.62 10.29
CA PRO A 260 33.09 -37.26 11.55
C PRO A 260 31.57 -37.44 11.66
N TYR A 261 30.84 -36.88 10.69
CA TYR A 261 29.39 -36.77 10.79
C TYR A 261 28.70 -38.13 10.75
N ASN A 262 29.20 -39.06 9.93
CA ASN A 262 28.64 -40.41 9.90
C ASN A 262 29.24 -41.33 10.95
N SER A 263 29.84 -40.77 12.01
CA SER A 263 30.28 -41.58 13.13
C SER A 263 29.09 -42.09 13.94
N ASP A 264 28.26 -41.16 14.45
CA ASP A 264 27.15 -41.51 15.32
C ASP A 264 25.98 -41.96 14.43
N THR A 265 25.67 -43.26 14.43
CA THR A 265 24.61 -43.70 13.53
C THR A 265 23.22 -43.35 14.06
N VAL A 266 23.02 -43.36 15.37
CA VAL A 266 21.68 -43.06 15.87
C VAL A 266 21.32 -41.59 15.60
N LEU A 267 22.28 -40.69 15.77
CA LEU A 267 22.04 -39.30 15.39
C LEU A 267 21.58 -39.21 13.94
N VAL A 268 22.21 -40.00 13.06
CA VAL A 268 21.80 -39.99 11.67
C VAL A 268 20.42 -40.65 11.54
N HIS A 269 20.16 -41.70 12.30
CA HIS A 269 18.85 -42.33 12.20
C HIS A 269 17.76 -41.44 12.79
N ARG A 270 18.04 -40.79 13.94
CA ARG A 270 17.08 -39.83 14.48
C ARG A 270 16.75 -38.74 13.45
N VAL A 271 17.78 -38.15 12.86
CA VAL A 271 17.58 -37.04 11.94
C VAL A 271 16.82 -37.49 10.71
N HIS A 272 17.25 -38.59 10.10
CA HIS A 272 16.56 -39.04 8.89
C HIS A 272 15.08 -39.29 9.16
N SER A 273 14.77 -39.90 10.30
CA SER A 273 13.38 -40.29 10.56
C SER A 273 12.52 -39.07 10.89
N TYR A 274 13.00 -38.18 11.77
CA TYR A 274 12.38 -36.88 11.93
C TYR A 274 12.02 -36.26 10.59
N LEU A 275 13.01 -36.09 9.71
CA LEU A 275 12.73 -35.50 8.40
C LEU A 275 11.69 -36.29 7.64
N GLU A 276 11.78 -37.62 7.64
CA GLU A 276 10.83 -38.43 6.90
C GLU A 276 9.41 -38.27 7.43
N ARG A 277 9.28 -38.08 8.75
CA ARG A 277 7.98 -38.01 9.38
C ARG A 277 7.26 -36.73 9.00
N HIS A 278 7.96 -35.60 9.11
CA HIS A 278 7.29 -34.33 8.86
C HIS A 278 7.38 -33.90 7.42
N GLY A 279 7.66 -34.83 6.52
CA GLY A 279 7.53 -34.58 5.09
C GLY A 279 8.55 -33.62 4.50
N LEU A 280 9.71 -33.46 5.15
CA LEU A 280 10.75 -32.64 4.56
C LEU A 280 11.55 -33.42 3.54
N ILE A 281 11.44 -34.75 3.57
CA ILE A 281 12.02 -35.64 2.57
C ILE A 281 11.00 -36.74 2.29
N ASN A 282 11.15 -37.38 1.14
CA ASN A 282 10.27 -38.51 0.77
C ASN A 282 8.81 -38.14 0.91
N PHE A 283 8.45 -37.03 0.25
CA PHE A 283 7.07 -36.56 0.15
C PHE A 283 6.76 -36.35 -1.33
N GLY A 284 5.48 -36.24 -1.64
CA GLY A 284 5.08 -36.05 -3.03
C GLY A 284 4.92 -37.39 -3.72
N ILE A 285 5.50 -37.51 -4.91
CA ILE A 285 5.38 -38.73 -5.71
C ILE A 285 6.78 -39.23 -6.01
N TYR A 286 7.18 -40.31 -5.33
CA TYR A 286 8.52 -40.89 -5.41
C TYR A 286 8.41 -42.40 -5.52
N LYS A 287 9.48 -43.02 -6.01
CA LYS A 287 9.53 -44.48 -6.16
C LYS A 287 10.03 -45.14 -4.89
N ARG A 288 9.36 -46.22 -4.52
CA ARG A 288 9.56 -46.88 -3.23
C ARG A 288 10.72 -47.84 -3.38
N ILE A 289 11.88 -47.48 -2.83
CA ILE A 289 12.91 -48.48 -2.57
C ILE A 289 12.33 -49.63 -1.75
N LYS A 290 11.89 -49.31 -0.52
CA LYS A 290 11.30 -50.29 0.38
C LYS A 290 9.79 -50.30 0.12
N PRO A 291 9.22 -51.37 -0.46
CA PRO A 291 7.77 -51.37 -0.74
C PRO A 291 6.96 -51.53 0.55
N LEU A 292 5.67 -51.22 0.45
CA LEU A 292 4.83 -51.02 1.62
C LEU A 292 4.79 -52.25 2.53
N PRO A 293 4.48 -52.03 3.82
CA PRO A 293 4.22 -53.15 4.72
C PRO A 293 2.97 -53.92 4.31
N THR A 294 3.08 -55.25 4.39
CA THR A 294 1.96 -56.15 4.14
C THR A 294 0.70 -55.67 4.86
N LYS A 295 0.86 -55.37 6.15
CA LYS A 295 -0.26 -55.00 7.01
C LYS A 295 -0.11 -53.61 7.61
N LYS A 296 -1.16 -52.83 7.39
CA LYS A 296 -1.47 -51.49 7.83
C LYS A 296 -1.71 -51.56 9.33
N THR A 297 -1.60 -50.40 9.96
CA THR A 297 -1.83 -50.16 11.37
C THR A 297 -2.67 -48.89 11.53
N GLY A 298 -3.74 -48.98 12.30
CA GLY A 298 -4.62 -47.85 12.51
C GLY A 298 -5.44 -47.45 11.28
N LYS A 299 -6.63 -46.88 11.47
CA LYS A 299 -7.51 -46.48 10.37
C LYS A 299 -7.93 -45.02 10.50
N VAL A 300 -7.70 -44.24 9.45
CA VAL A 300 -7.94 -42.79 9.44
C VAL A 300 -8.69 -42.36 8.17
N ILE A 301 -9.74 -41.58 8.38
CA ILE A 301 -10.61 -41.05 7.32
C ILE A 301 -10.20 -39.62 7.03
N ILE A 302 -10.09 -39.26 5.74
CA ILE A 302 -9.76 -37.90 5.31
C ILE A 302 -10.95 -37.31 4.58
N ILE A 303 -11.60 -36.32 5.21
CA ILE A 303 -12.68 -35.59 4.57
C ILE A 303 -12.04 -34.61 3.61
N GLY A 304 -12.26 -34.83 2.33
CA GLY A 304 -11.81 -33.90 1.31
C GLY A 304 -10.60 -34.37 0.53
N SER A 305 -10.75 -34.42 -0.80
CA SER A 305 -9.67 -34.83 -1.68
C SER A 305 -8.91 -33.62 -2.28
N GLY A 306 -9.04 -32.44 -1.68
CA GLY A 306 -8.22 -31.32 -2.08
C GLY A 306 -6.75 -31.58 -1.78
N VAL A 307 -5.91 -30.68 -2.29
CA VAL A 307 -4.46 -30.88 -2.24
C VAL A 307 -4.00 -31.20 -0.80
N SER A 308 -4.41 -30.35 0.16
CA SER A 308 -4.23 -30.61 1.58
C SER A 308 -4.48 -32.06 1.91
N GLY A 309 -5.68 -32.54 1.55
CA GLY A 309 -6.11 -33.89 1.80
C GLY A 309 -5.15 -34.89 1.20
N LEU A 310 -5.01 -34.83 -0.12
CA LEU A 310 -4.16 -35.77 -0.84
C LEU A 310 -2.76 -35.83 -0.26
N ALA A 311 -2.19 -34.69 0.10
CA ALA A 311 -0.82 -34.71 0.57
C ALA A 311 -0.70 -35.46 1.88
N ALA A 312 -1.64 -35.26 2.80
CA ALA A 312 -1.61 -36.06 4.02
C ALA A 312 -1.87 -37.52 3.72
N ALA A 313 -2.90 -37.80 2.91
CA ALA A 313 -3.25 -39.17 2.56
C ALA A 313 -2.01 -39.95 2.11
N ARG A 314 -1.34 -39.44 1.08
CA ARG A 314 -0.11 -40.06 0.60
C ARG A 314 0.90 -40.26 1.72
N GLN A 315 1.04 -39.29 2.63
CA GLN A 315 2.02 -39.43 3.70
C GLN A 315 1.60 -40.53 4.67
N LEU A 316 0.32 -40.55 5.04
CA LEU A 316 -0.15 -41.57 5.96
C LEU A 316 0.02 -42.95 5.36
N GLN A 317 -0.51 -43.16 4.16
CA GLN A 317 -0.25 -44.41 3.44
C GLN A 317 1.23 -44.68 3.26
N SER A 318 2.05 -43.65 3.05
CA SER A 318 3.48 -43.86 3.02
C SER A 318 4.02 -44.34 4.35
N PHE A 319 3.30 -44.07 5.43
CA PHE A 319 3.69 -44.46 6.77
C PHE A 319 3.11 -45.80 7.18
N GLY A 320 2.30 -46.40 6.31
CA GLY A 320 1.64 -47.67 6.55
C GLY A 320 0.44 -47.52 7.44
N MET A 321 -0.48 -46.65 7.09
CA MET A 321 -1.76 -46.58 7.75
C MET A 321 -2.83 -46.87 6.72
N ASP A 322 -4.01 -47.20 7.20
CA ASP A 322 -5.15 -47.42 6.33
C ASP A 322 -5.81 -46.06 6.13
N VAL A 323 -5.75 -45.54 4.90
CA VAL A 323 -6.24 -44.19 4.63
C VAL A 323 -7.37 -44.25 3.61
N THR A 324 -8.43 -43.49 3.88
CA THR A 324 -9.53 -43.38 2.94
C THR A 324 -10.03 -41.93 2.89
N LEU A 325 -10.16 -41.42 1.67
CA LEU A 325 -10.59 -40.05 1.40
C LEU A 325 -12.04 -40.00 0.94
N LEU A 326 -12.78 -39.06 1.51
CA LEU A 326 -14.21 -38.90 1.30
C LEU A 326 -14.44 -37.58 0.61
N GLU A 327 -14.98 -37.60 -0.60
CA GLU A 327 -14.94 -36.42 -1.45
C GLU A 327 -16.34 -36.17 -2.03
N ALA A 328 -16.90 -34.98 -1.76
CA ALA A 328 -18.25 -34.66 -2.23
C ALA A 328 -18.30 -34.49 -3.75
N ARG A 329 -17.23 -33.95 -4.34
CA ARG A 329 -17.17 -33.76 -5.77
C ARG A 329 -16.97 -35.08 -6.49
N ASP A 330 -17.29 -35.06 -7.78
CA ASP A 330 -16.95 -36.15 -8.70
C ASP A 330 -15.53 -36.03 -9.25
N ARG A 331 -14.65 -35.29 -8.60
CA ARG A 331 -13.27 -35.17 -9.03
C ARG A 331 -12.41 -34.79 -7.84
N VAL A 332 -11.13 -34.96 -8.03
CA VAL A 332 -10.16 -34.60 -6.99
C VAL A 332 -9.70 -33.17 -7.22
N GLY A 333 -8.85 -32.66 -6.35
CA GLY A 333 -8.26 -31.34 -6.56
C GLY A 333 -8.99 -30.25 -5.85
N GLY A 334 -10.24 -30.44 -5.55
CA GLY A 334 -10.89 -29.37 -4.80
C GLY A 334 -10.87 -28.07 -5.57
N ARG A 335 -10.22 -27.08 -4.99
CA ARG A 335 -10.18 -25.73 -5.59
C ARG A 335 -9.02 -25.61 -6.55
N VAL A 336 -8.34 -26.68 -6.88
CA VAL A 336 -7.38 -26.60 -7.98
C VAL A 336 -8.14 -27.28 -9.07
N ALA A 337 -8.69 -26.56 -10.01
CA ALA A 337 -9.54 -27.20 -11.02
C ALA A 337 -9.03 -26.85 -12.39
N THR A 338 -9.36 -27.64 -13.38
CA THR A 338 -8.78 -27.30 -14.68
C THR A 338 -9.73 -27.64 -15.81
N PHE A 339 -10.34 -26.65 -16.40
CA PHE A 339 -11.23 -26.85 -17.52
C PHE A 339 -10.46 -27.45 -18.70
N ARG A 340 -11.03 -28.52 -19.28
CA ARG A 340 -10.44 -29.21 -20.42
C ARG A 340 -11.54 -29.60 -21.39
N LYS A 341 -11.37 -29.22 -22.67
CA LYS A 341 -12.31 -29.52 -23.74
C LYS A 341 -11.58 -29.25 -25.05
N GLY A 342 -11.71 -30.15 -26.03
CA GLY A 342 -10.77 -30.12 -27.14
C GLY A 342 -9.33 -30.07 -26.64
N ASN A 343 -8.49 -29.28 -27.30
CA ASN A 343 -7.19 -28.96 -26.75
C ASN A 343 -7.18 -27.62 -26.01
N TYR A 344 -8.36 -27.15 -25.60
CA TYR A 344 -8.47 -25.99 -24.73
C TYR A 344 -8.16 -26.42 -23.29
N VAL A 345 -7.43 -25.58 -22.56
CA VAL A 345 -7.05 -25.87 -21.17
C VAL A 345 -7.04 -24.55 -20.39
N ALA A 346 -7.66 -24.53 -19.21
CA ALA A 346 -7.63 -23.34 -18.38
C ALA A 346 -8.04 -23.59 -16.93
N ASP A 347 -7.20 -23.16 -15.95
CA ASP A 347 -7.60 -23.29 -14.54
C ASP A 347 -8.71 -22.33 -14.16
N LEU A 348 -9.78 -22.89 -13.61
CA LEU A 348 -10.81 -22.15 -12.92
C LEU A 348 -10.41 -21.89 -11.47
N GLY A 349 -9.31 -22.52 -11.02
CA GLY A 349 -8.87 -22.54 -9.65
C GLY A 349 -7.52 -21.90 -9.55
N ALA A 350 -6.65 -22.37 -8.67
CA ALA A 350 -5.32 -21.77 -8.59
C ALA A 350 -4.60 -21.94 -9.92
N MET A 351 -3.84 -20.90 -10.34
CA MET A 351 -3.17 -20.96 -11.64
C MET A 351 -1.76 -20.40 -11.58
N VAL A 352 -1.30 -19.90 -10.44
CA VAL A 352 -0.01 -19.24 -10.34
C VAL A 352 0.84 -19.95 -9.30
N VAL A 353 2.08 -20.26 -9.67
CA VAL A 353 3.07 -20.76 -8.72
C VAL A 353 3.99 -19.61 -8.33
N THR A 354 3.98 -19.29 -7.06
CA THR A 354 4.64 -18.07 -6.61
C THR A 354 6.10 -18.28 -6.31
N GLY A 355 6.84 -18.82 -7.27
CA GLY A 355 8.27 -18.64 -7.22
C GLY A 355 8.94 -19.73 -6.45
N LEU A 356 9.97 -20.32 -7.05
CA LEU A 356 10.45 -21.63 -6.66
C LEU A 356 11.51 -21.58 -5.55
N GLY A 357 11.80 -20.39 -5.03
CA GLY A 357 12.80 -20.25 -4.01
C GLY A 357 12.24 -20.56 -2.64
N GLY A 358 12.34 -21.82 -2.26
CA GLY A 358 11.77 -22.32 -1.02
C GLY A 358 10.41 -22.96 -1.16
N ASN A 359 9.93 -23.11 -2.38
CA ASN A 359 8.56 -23.56 -2.59
C ASN A 359 8.55 -25.08 -2.68
N PRO A 360 7.79 -25.78 -1.83
CA PRO A 360 7.69 -27.22 -1.98
C PRO A 360 7.14 -27.65 -3.32
N MET A 361 6.30 -26.84 -3.97
CA MET A 361 5.86 -27.19 -5.32
C MET A 361 7.02 -27.33 -6.28
N ALA A 362 8.16 -26.68 -6.00
CA ALA A 362 9.36 -26.90 -6.80
C ALA A 362 9.71 -28.38 -6.88
N VAL A 363 9.66 -29.08 -5.73
CA VAL A 363 9.94 -30.52 -5.72
C VAL A 363 8.90 -31.24 -6.56
N VAL A 364 7.63 -30.93 -6.35
CA VAL A 364 6.54 -31.60 -7.06
C VAL A 364 6.68 -31.42 -8.57
N SER A 365 7.19 -30.27 -9.00
CA SER A 365 7.36 -30.03 -10.43
C SER A 365 8.44 -30.92 -11.03
N LYS A 366 9.53 -31.19 -10.29
CA LYS A 366 10.46 -32.21 -10.76
C LYS A 366 9.77 -33.58 -10.81
N GLN A 367 8.89 -33.87 -9.85
CA GLN A 367 8.24 -35.17 -9.75
C GLN A 367 7.17 -35.36 -10.81
N VAL A 368 6.37 -34.34 -11.08
CA VAL A 368 5.33 -34.37 -12.11
C VAL A 368 5.76 -33.37 -13.17
N ASN A 369 5.67 -33.77 -14.42
CA ASN A 369 6.10 -32.80 -15.43
C ASN A 369 5.11 -31.66 -15.39
N MET A 370 5.59 -30.46 -15.19
CA MET A 370 4.61 -29.38 -15.26
C MET A 370 5.17 -28.41 -16.25
N GLU A 371 4.43 -28.08 -17.29
CA GLU A 371 5.05 -27.11 -18.18
C GLU A 371 4.90 -25.86 -17.35
N LEU A 372 6.02 -25.34 -16.89
CA LEU A 372 5.92 -24.17 -16.04
C LEU A 372 6.37 -22.99 -16.86
N ALA A 373 5.61 -21.94 -16.90
CA ALA A 373 6.07 -20.84 -17.75
C ALA A 373 6.06 -19.59 -16.93
N LYS A 374 7.10 -18.82 -17.08
CA LYS A 374 7.25 -17.58 -16.33
C LYS A 374 6.20 -16.56 -16.75
N ILE A 375 5.79 -15.75 -15.79
CA ILE A 375 4.90 -14.63 -16.04
C ILE A 375 5.70 -13.37 -16.25
N LYS A 376 5.61 -12.83 -17.47
CA LYS A 376 6.23 -11.54 -17.78
C LYS A 376 5.40 -10.44 -17.13
N GLN A 377 6.01 -9.71 -16.18
CA GLN A 377 5.21 -8.86 -15.30
C GLN A 377 4.62 -7.64 -15.99
N LYS A 378 5.01 -7.36 -17.23
CA LYS A 378 4.53 -6.17 -17.92
C LYS A 378 3.02 -6.24 -18.14
N CYS A 379 2.29 -5.24 -17.65
CA CYS A 379 0.84 -5.20 -17.78
C CYS A 379 0.36 -3.84 -18.28
N PRO A 380 0.00 -3.73 -19.56
CA PRO A 380 -0.66 -2.52 -20.06
C PRO A 380 -2.09 -2.35 -19.57
N LEU A 381 -2.38 -1.16 -19.09
CA LEU A 381 -3.74 -0.85 -18.63
C LEU A 381 -4.43 -0.14 -19.76
N TYR A 382 -5.71 -0.34 -19.87
CA TYR A 382 -6.44 0.35 -20.93
C TYR A 382 -7.63 0.96 -20.27
N GLU A 383 -8.10 2.08 -20.75
CA GLU A 383 -9.23 2.70 -20.05
C GLU A 383 -10.53 2.24 -20.62
N ALA A 384 -11.61 2.88 -20.18
CA ALA A 384 -12.90 2.45 -20.70
C ALA A 384 -12.96 2.68 -22.19
N ASN A 385 -12.50 3.84 -22.64
CA ASN A 385 -12.61 4.18 -24.06
C ASN A 385 -11.86 3.17 -24.90
N GLY A 386 -11.05 2.33 -24.29
CA GLY A 386 -10.29 1.41 -25.09
C GLY A 386 -8.96 1.92 -25.56
N GLN A 387 -8.45 2.99 -24.94
CA GLN A 387 -7.16 3.57 -25.29
C GLN A 387 -6.21 3.31 -24.13
N ALA A 388 -4.94 3.09 -24.44
CA ALA A 388 -4.00 2.75 -23.38
C ALA A 388 -3.72 3.93 -22.46
N VAL A 389 -3.35 3.63 -21.23
CA VAL A 389 -2.85 4.73 -20.39
C VAL A 389 -1.43 5.07 -20.82
N PRO A 390 -1.10 6.35 -20.96
CA PRO A 390 0.29 6.74 -21.30
C PRO A 390 1.26 6.49 -20.16
N LYS A 391 2.51 6.17 -20.53
CA LYS A 391 3.54 5.84 -19.52
C LYS A 391 3.70 6.92 -18.48
N GLU A 392 3.25 8.14 -18.76
CA GLU A 392 3.34 9.20 -17.77
C GLU A 392 2.45 8.88 -16.57
N LYS A 393 1.15 8.72 -16.83
CA LYS A 393 0.20 8.38 -15.77
C LYS A 393 0.51 7.01 -15.19
N ASP A 394 0.62 6.00 -16.07
CA ASP A 394 0.76 4.62 -15.64
C ASP A 394 1.81 4.46 -14.56
N GLU A 395 2.90 5.20 -14.67
CA GLU A 395 3.94 5.13 -13.65
C GLU A 395 3.65 6.07 -12.49
N MET A 396 3.18 7.29 -12.78
CA MET A 396 2.80 8.22 -11.73
C MET A 396 1.78 7.62 -10.79
N VAL A 397 0.71 7.05 -11.34
CA VAL A 397 -0.36 6.51 -10.51
C VAL A 397 0.14 5.31 -9.71
N GLU A 398 0.69 4.32 -10.40
CA GLU A 398 1.26 3.18 -9.71
C GLU A 398 2.14 3.63 -8.56
N GLN A 399 3.05 4.57 -8.82
CA GLN A 399 3.91 5.00 -7.74
C GLN A 399 3.09 5.61 -6.61
N GLU A 400 2.02 6.33 -6.93
CA GLU A 400 1.17 6.89 -5.87
C GLU A 400 0.54 5.77 -5.05
N PHE A 401 -0.08 4.79 -5.73
CA PHE A 401 -0.55 3.60 -5.07
C PHE A 401 0.45 3.09 -4.03
N ASN A 402 1.63 2.68 -4.49
CA ASN A 402 2.60 2.07 -3.58
C ASN A 402 2.92 2.99 -2.41
N ARG A 403 3.00 4.30 -2.68
CA ARG A 403 3.23 5.29 -1.65
C ARG A 403 2.07 5.32 -0.66
N LEU A 404 0.84 5.19 -1.18
CA LEU A 404 -0.35 5.16 -0.33
C LEU A 404 -0.37 3.95 0.58
N LEU A 405 -0.02 2.79 0.05
CA LEU A 405 0.07 1.58 0.88
C LEU A 405 1.00 1.81 2.05
N GLU A 406 2.26 2.19 1.75
CA GLU A 406 3.21 2.55 2.80
C GLU A 406 2.55 3.46 3.83
N ALA A 407 1.90 4.52 3.35
CA ALA A 407 1.27 5.49 4.24
C ALA A 407 0.41 4.79 5.30
N THR A 408 -0.42 3.82 4.89
CA THR A 408 -1.24 3.09 5.87
C THR A 408 -0.36 2.37 6.88
N SER A 409 0.73 1.74 6.42
CA SER A 409 1.59 1.02 7.34
C SER A 409 2.12 1.98 8.38
N TYR A 410 2.44 3.20 7.96
CA TYR A 410 2.81 4.26 8.91
C TYR A 410 1.68 4.52 9.90
N LEU A 411 0.45 4.74 9.40
CA LEU A 411 -0.69 4.86 10.30
C LEU A 411 -0.79 3.71 11.27
N SER A 412 -0.50 2.50 10.80
CA SER A 412 -0.70 1.32 11.61
C SER A 412 0.38 1.22 12.68
N HIS A 413 1.64 1.18 12.25
CA HIS A 413 2.73 0.84 13.15
C HIS A 413 3.28 2.05 13.90
N GLN A 414 3.25 3.23 13.30
CA GLN A 414 3.85 4.40 13.93
C GLN A 414 2.85 5.26 14.69
N LEU A 415 1.55 5.14 14.42
CA LEU A 415 0.54 5.97 15.06
C LEU A 415 -0.52 5.14 15.79
N ASP A 416 -0.36 3.83 15.81
CA ASP A 416 -1.25 2.87 16.46
C ASP A 416 -2.74 3.14 16.13
N PHE A 417 -3.01 3.54 14.88
CA PHE A 417 -4.37 3.70 14.35
C PHE A 417 -4.96 2.35 13.95
N ASN A 418 -5.34 1.57 14.95
CA ASN A 418 -5.84 0.22 14.70
C ASN A 418 -7.23 -0.06 15.24
N VAL A 419 -7.81 0.85 16.02
CA VAL A 419 -9.18 0.76 16.49
C VAL A 419 -9.86 2.10 16.24
N LEU A 420 -11.17 2.06 15.97
CA LEU A 420 -11.86 3.33 15.78
C LEU A 420 -13.32 3.14 16.15
N ASN A 421 -13.71 3.68 17.32
CA ASN A 421 -15.09 3.55 17.83
C ASN A 421 -15.39 2.10 18.19
N ASN A 422 -14.47 1.50 18.94
CA ASN A 422 -14.51 0.12 19.48
C ASN A 422 -14.42 -0.96 18.42
N LYS A 423 -14.13 -0.62 17.16
CA LYS A 423 -14.08 -1.58 16.07
C LYS A 423 -12.71 -1.51 15.39
N PRO A 424 -12.26 -2.60 14.76
CA PRO A 424 -10.92 -2.62 14.19
C PRO A 424 -10.87 -1.98 12.81
N VAL A 425 -9.77 -1.31 12.56
CA VAL A 425 -9.57 -0.56 11.34
C VAL A 425 -9.21 -1.50 10.20
N SER A 426 -9.80 -1.28 9.04
CA SER A 426 -9.47 -2.09 7.88
C SER A 426 -8.49 -1.34 6.97
N LEU A 427 -7.87 -2.10 6.06
CA LEU A 427 -7.02 -1.47 5.06
C LEU A 427 -7.80 -0.43 4.26
N GLY A 428 -9.08 -0.68 4.00
CA GLY A 428 -9.88 0.26 3.23
C GLY A 428 -10.02 1.61 3.90
N GLN A 429 -10.52 1.63 5.13
CA GLN A 429 -10.57 2.85 5.93
C GLN A 429 -9.24 3.59 5.91
N ALA A 430 -8.20 2.92 6.43
CA ALA A 430 -6.85 3.43 6.42
C ALA A 430 -6.48 4.05 5.08
N LEU A 431 -6.84 3.42 3.96
CA LEU A 431 -6.53 4.05 2.68
C LEU A 431 -7.31 5.35 2.48
N GLU A 432 -8.61 5.35 2.79
CA GLU A 432 -9.37 6.58 2.65
C GLU A 432 -8.79 7.69 3.52
N VAL A 433 -8.58 7.42 4.81
CA VAL A 433 -8.03 8.44 5.69
C VAL A 433 -6.77 9.03 5.07
N VAL A 434 -5.87 8.17 4.60
CA VAL A 434 -4.67 8.66 3.94
C VAL A 434 -5.01 9.48 2.69
N ILE A 435 -5.93 9.00 1.85
CA ILE A 435 -6.30 9.80 0.68
C ILE A 435 -6.90 11.14 1.09
N GLN A 436 -7.79 11.16 2.08
CA GLN A 436 -8.39 12.42 2.48
C GLN A 436 -7.34 13.40 3.00
N LEU A 437 -6.42 12.92 3.84
CA LEU A 437 -5.36 13.77 4.38
C LEU A 437 -4.44 14.27 3.28
N GLN A 438 -4.27 13.51 2.19
CA GLN A 438 -3.53 14.03 1.06
C GLN A 438 -4.33 15.09 0.30
N GLU A 439 -5.62 14.87 0.11
CA GLU A 439 -6.46 15.94 -0.44
C GLU A 439 -6.57 17.14 0.50
N LYS A 440 -6.58 16.92 1.81
CA LYS A 440 -6.53 18.05 2.74
C LYS A 440 -5.24 18.84 2.58
N HIS A 441 -4.10 18.15 2.64
CA HIS A 441 -2.86 18.90 2.53
C HIS A 441 -2.80 19.68 1.23
N VAL A 442 -3.40 19.16 0.15
CA VAL A 442 -3.39 19.91 -1.10
C VAL A 442 -4.11 21.25 -0.95
N LYS A 443 -5.22 21.26 -0.19
CA LYS A 443 -5.94 22.52 0.02
C LYS A 443 -5.20 23.42 1.00
N ASP A 444 -4.77 22.86 2.12
CA ASP A 444 -3.89 23.58 3.03
C ASP A 444 -2.77 24.31 2.30
N GLU A 445 -2.31 23.76 1.17
CA GLU A 445 -1.16 24.29 0.46
C GLU A 445 -1.56 25.46 -0.42
N GLN A 446 -2.75 25.39 -1.04
CA GLN A 446 -3.23 26.53 -1.82
C GLN A 446 -3.65 27.68 -0.92
N ILE A 447 -4.28 27.40 0.21
CA ILE A 447 -4.60 28.46 1.14
C ILE A 447 -3.35 29.23 1.54
N GLU A 448 -2.30 28.56 2.05
CA GLU A 448 -1.20 29.43 2.44
C GLU A 448 -0.47 30.04 1.24
N HIS A 449 -0.68 29.53 0.02
CA HIS A 449 -0.07 30.15 -1.14
C HIS A 449 -0.72 31.49 -1.45
N TRP A 450 -2.04 31.50 -1.64
CA TRP A 450 -2.70 32.78 -1.90
C TRP A 450 -2.66 33.69 -0.67
N LYS A 451 -2.70 33.15 0.54
CA LYS A 451 -2.47 34.03 1.69
C LYS A 451 -1.08 34.67 1.67
N LYS A 452 -0.10 34.09 0.98
CA LYS A 452 1.15 34.82 0.70
C LYS A 452 0.92 35.93 -0.31
N ILE A 453 -0.09 35.79 -1.17
CA ILE A 453 -0.37 36.86 -2.13
C ILE A 453 -1.07 38.04 -1.47
N VAL A 454 -2.17 37.81 -0.74
CA VAL A 454 -2.81 38.95 -0.06
C VAL A 454 -1.84 39.65 0.89
N LYS A 455 -1.00 38.89 1.61
CA LYS A 455 -0.01 39.57 2.45
C LYS A 455 0.84 40.54 1.65
N THR A 456 1.00 40.28 0.35
CA THR A 456 1.78 41.16 -0.51
C THR A 456 0.92 42.20 -1.21
N GLN A 457 -0.16 41.82 -1.89
CA GLN A 457 -1.13 42.82 -2.34
C GLN A 457 -1.42 43.89 -1.28
N GLU A 458 -1.64 43.48 -0.04
CA GLU A 458 -1.92 44.45 1.01
C GLU A 458 -0.70 45.29 1.38
N GLU A 459 0.49 44.67 1.41
CA GLU A 459 1.71 45.46 1.53
C GLU A 459 1.81 46.51 0.40
N LEU A 460 1.31 46.17 -0.80
CA LEU A 460 1.33 47.10 -1.92
C LEU A 460 0.26 48.17 -1.76
N LYS A 461 -0.91 47.80 -1.22
CA LYS A 461 -1.96 48.79 -1.01
C LYS A 461 -1.48 49.90 -0.10
N GLU A 462 -0.99 49.53 1.09
CA GLU A 462 -0.39 50.52 1.98
C GLU A 462 0.79 51.24 1.34
N LEU A 463 1.42 50.67 0.31
CA LEU A 463 2.52 51.39 -0.32
C LEU A 463 1.99 52.42 -1.30
N LEU A 464 0.88 52.14 -1.99
CA LEU A 464 0.35 53.11 -2.95
C LEU A 464 -0.28 54.30 -2.24
N ASN A 465 -1.10 54.08 -1.21
CA ASN A 465 -1.58 55.24 -0.45
C ASN A 465 -0.46 56.10 0.10
N LYS A 466 0.67 55.52 0.48
CA LYS A 466 1.76 56.43 0.81
C LYS A 466 2.21 57.20 -0.41
N MET A 467 2.04 56.63 -1.60
CA MET A 467 2.51 57.25 -2.83
C MET A 467 1.53 58.26 -3.41
N VAL A 468 0.23 58.00 -3.36
CA VAL A 468 -0.72 59.04 -3.73
C VAL A 468 -0.60 60.25 -2.80
N ASN A 469 -0.58 60.02 -1.48
CA ASN A 469 -0.55 61.15 -0.56
C ASN A 469 0.77 61.91 -0.65
N LEU A 470 1.86 61.22 -0.97
CA LEU A 470 3.11 61.93 -1.19
C LEU A 470 3.06 62.74 -2.48
N LYS A 471 2.54 62.14 -3.56
CA LYS A 471 2.40 62.89 -4.81
C LYS A 471 1.50 64.10 -4.65
N GLU A 472 0.52 64.05 -3.78
CA GLU A 472 -0.32 65.23 -3.66
C GLU A 472 0.35 66.33 -2.84
N LYS A 473 1.30 65.99 -1.97
CA LYS A 473 2.14 67.01 -1.35
C LYS A 473 3.15 67.58 -2.32
N ILE A 474 3.71 66.74 -3.20
CA ILE A 474 4.65 67.25 -4.18
C ILE A 474 3.94 68.11 -5.22
N LYS A 475 2.68 67.80 -5.53
CA LYS A 475 1.92 68.71 -6.38
C LYS A 475 1.85 70.09 -5.74
N GLU A 476 1.61 70.14 -4.44
CA GLU A 476 1.37 71.38 -3.72
C GLU A 476 2.65 72.18 -3.46
N LEU A 477 3.78 71.55 -3.09
CA LEU A 477 5.00 72.34 -2.99
C LEU A 477 5.43 72.89 -4.32
N HIS A 478 5.30 72.13 -5.40
CA HIS A 478 5.74 72.64 -6.67
C HIS A 478 5.07 73.97 -6.96
N GLN A 479 3.74 74.04 -6.83
CA GLN A 479 3.03 75.31 -6.92
C GLN A 479 3.61 76.37 -5.97
N GLN A 480 3.87 75.99 -4.73
CA GLN A 480 4.41 76.96 -3.77
C GLN A 480 5.80 77.44 -4.19
N TYR A 481 6.70 76.53 -4.56
CA TYR A 481 7.99 76.96 -5.08
C TYR A 481 7.84 77.72 -6.38
N LYS A 482 6.92 77.31 -7.26
CA LYS A 482 6.66 78.13 -8.44
C LYS A 482 6.31 79.56 -8.04
N GLU A 483 5.22 79.63 -7.30
CA GLU A 483 4.60 80.89 -6.86
C GLU A 483 5.66 81.74 -6.24
N ALA A 484 6.57 81.13 -5.52
CA ALA A 484 7.54 81.98 -4.81
C ALA A 484 8.76 82.19 -5.65
N SER A 485 8.83 81.55 -6.79
CA SER A 485 10.00 81.85 -7.62
C SER A 485 9.62 82.96 -8.59
N GLU A 486 8.34 83.26 -8.64
CA GLU A 486 7.91 84.31 -9.56
C GLU A 486 7.99 85.63 -8.84
N VAL A 487 8.53 85.68 -7.64
CA VAL A 487 8.66 87.04 -7.05
C VAL A 487 9.97 87.48 -7.65
N LYS A 488 9.93 88.24 -8.71
CA LYS A 488 11.18 88.60 -9.40
C LYS A 488 12.09 89.33 -8.44
N PRO A 489 13.37 89.03 -8.46
CA PRO A 489 14.32 89.57 -7.56
C PRO A 489 14.58 91.00 -7.98
N PRO A 490 14.94 91.88 -7.06
CA PRO A 490 15.91 91.61 -6.04
C PRO A 490 15.10 91.32 -4.78
N ARG A 491 15.48 90.32 -4.00
CA ARG A 491 14.58 90.01 -2.89
C ARG A 491 15.24 90.20 -1.56
N ASP A 492 14.44 90.40 -0.54
CA ASP A 492 15.02 90.43 0.79
C ASP A 492 15.24 89.02 1.26
N ILE A 493 16.17 88.85 2.20
CA ILE A 493 16.68 87.51 2.41
C ILE A 493 15.59 86.53 2.89
N THR A 494 14.49 87.03 3.48
CA THR A 494 13.45 86.09 3.88
C THR A 494 12.78 85.47 2.66
N ALA A 495 12.50 86.28 1.63
CA ALA A 495 11.90 85.74 0.41
C ALA A 495 12.92 85.05 -0.49
N GLU A 496 14.21 85.20 -0.24
CA GLU A 496 15.21 84.34 -0.88
C GLU A 496 15.22 82.99 -0.19
N PHE A 497 15.29 83.00 1.15
CA PHE A 497 15.22 81.80 1.96
C PHE A 497 14.00 80.96 1.60
N LEU A 498 12.91 81.62 1.23
CA LEU A 498 11.69 80.86 0.98
C LEU A 498 11.76 80.13 -0.34
N VAL A 499 12.44 80.67 -1.36
CA VAL A 499 12.64 79.88 -2.58
C VAL A 499 13.55 78.70 -2.29
N LYS A 500 14.66 78.96 -1.62
CA LYS A 500 15.66 77.92 -1.40
C LYS A 500 15.13 76.83 -0.48
N SER A 501 14.43 77.21 0.58
CA SER A 501 13.82 76.21 1.45
C SER A 501 12.74 75.40 0.72
N LYS A 502 11.83 76.05 -0.01
CA LYS A 502 10.83 75.28 -0.75
C LYS A 502 11.52 74.40 -1.79
N HIS A 503 12.65 74.83 -2.33
CA HIS A 503 13.33 73.97 -3.29
C HIS A 503 13.97 72.77 -2.61
N ARG A 504 14.60 72.97 -1.46
CA ARG A 504 15.10 71.84 -0.70
C ARG A 504 13.98 70.85 -0.39
N ASP A 505 12.85 71.36 0.12
CA ASP A 505 11.77 70.49 0.54
C ASP A 505 11.24 69.64 -0.61
N LEU A 506 11.08 70.24 -1.78
CA LEU A 506 10.55 69.49 -2.91
C LEU A 506 11.53 68.41 -3.37
N THR A 507 12.84 68.67 -3.33
CA THR A 507 13.77 67.61 -3.73
C THR A 507 13.92 66.54 -2.65
N ALA A 508 13.55 66.82 -1.39
CA ALA A 508 13.50 65.77 -0.38
C ALA A 508 12.22 64.93 -0.50
N LEU A 509 11.08 65.56 -0.82
CA LEU A 509 9.90 64.76 -1.12
C LEU A 509 10.03 64.07 -2.46
N CYS A 510 10.81 64.62 -3.38
CA CYS A 510 11.04 63.91 -4.61
C CYS A 510 11.92 62.69 -4.39
N LYS A 511 12.72 62.72 -3.33
CA LYS A 511 13.59 61.58 -3.04
C LYS A 511 12.78 60.43 -2.45
N GLU A 512 11.99 60.71 -1.40
CA GLU A 512 11.04 59.71 -0.88
C GLU A 512 10.28 58.98 -2.00
N TYR A 513 9.56 59.72 -2.84
CA TYR A 513 8.73 59.09 -3.87
C TYR A 513 9.54 58.26 -4.83
N ASP A 514 10.84 58.50 -4.95
CA ASP A 514 11.62 57.63 -5.83
C ASP A 514 11.95 56.31 -5.16
N GLU A 515 12.35 56.36 -3.87
CA GLU A 515 12.60 55.14 -3.11
C GLU A 515 11.37 54.27 -3.02
N LEU A 516 10.20 54.87 -2.75
CA LEU A 516 8.95 54.13 -2.77
C LEU A 516 8.62 53.51 -4.11
N ALA A 517 9.20 53.97 -5.22
CA ALA A 517 8.90 53.30 -6.48
C ALA A 517 9.92 52.23 -6.85
N GLU A 518 11.09 52.25 -6.20
CA GLU A 518 11.90 51.05 -6.07
C GLU A 518 11.14 49.97 -5.31
N THR A 519 10.65 50.32 -4.12
CA THR A 519 9.91 49.37 -3.30
C THR A 519 8.62 48.88 -3.98
N GLN A 520 7.99 49.66 -4.85
CA GLN A 520 6.90 49.04 -5.59
C GLN A 520 7.39 48.20 -6.77
N GLY A 521 8.64 48.35 -7.18
CA GLY A 521 9.13 47.53 -8.26
C GLY A 521 9.44 46.14 -7.75
N LYS A 522 10.20 46.08 -6.64
CA LYS A 522 10.40 44.85 -5.88
C LYS A 522 9.11 44.09 -5.63
N LEU A 523 8.11 44.75 -5.01
CA LEU A 523 6.91 44.02 -4.63
C LEU A 523 6.04 43.69 -5.80
N GLU A 524 6.14 44.42 -6.89
CA GLU A 524 5.22 44.14 -7.97
C GLU A 524 5.73 42.98 -8.83
N GLU A 525 6.96 42.64 -8.49
CA GLU A 525 7.66 41.53 -9.14
C GLU A 525 7.43 40.30 -8.30
N LYS A 526 7.32 40.44 -6.99
CA LYS A 526 7.08 39.23 -6.19
C LYS A 526 5.74 38.63 -6.60
N LEU A 527 4.74 39.47 -6.77
CA LEU A 527 3.40 38.99 -7.15
C LEU A 527 3.49 38.29 -8.50
N GLN A 528 4.28 38.80 -9.43
CA GLN A 528 4.36 38.06 -10.70
C GLN A 528 4.93 36.67 -10.43
N GLU A 529 5.98 36.58 -9.63
CA GLU A 529 6.55 35.24 -9.43
C GLU A 529 5.54 34.35 -8.70
N LEU A 530 4.96 34.88 -7.64
CA LEU A 530 4.08 34.05 -6.80
C LEU A 530 2.90 33.59 -7.61
N GLU A 531 2.35 34.45 -8.43
CA GLU A 531 1.27 33.96 -9.28
C GLU A 531 1.83 32.92 -10.25
N ALA A 532 3.03 33.06 -10.75
CA ALA A 532 3.55 32.06 -11.71
C ALA A 532 3.90 30.71 -11.07
N ASN A 533 3.95 30.60 -9.76
CA ASN A 533 4.31 29.33 -9.13
C ASN A 533 3.17 28.77 -8.30
N PRO A 534 1.98 28.57 -8.86
CA PRO A 534 0.86 28.10 -8.07
C PRO A 534 1.11 26.65 -7.67
N PRO A 535 0.69 26.22 -6.47
CA PRO A 535 0.95 24.85 -6.09
C PRO A 535 0.00 23.90 -6.83
N SER A 536 0.00 22.63 -6.44
CA SER A 536 -0.74 21.64 -7.20
C SER A 536 -2.23 21.91 -7.10
N ASP A 537 -2.90 21.89 -8.25
CA ASP A 537 -4.34 22.17 -8.32
C ASP A 537 -5.15 21.14 -7.54
N VAL A 538 -4.87 19.84 -7.76
CA VAL A 538 -5.65 18.72 -7.22
C VAL A 538 -4.72 17.69 -6.58
N TYR A 539 -5.32 16.78 -5.79
CA TYR A 539 -4.57 15.59 -5.37
C TYR A 539 -4.51 14.59 -6.51
N LEU A 540 -5.67 14.23 -7.05
CA LEU A 540 -5.76 13.25 -8.11
C LEU A 540 -6.93 13.57 -9.02
N SER A 541 -6.69 13.47 -10.32
CA SER A 541 -7.74 13.81 -11.27
C SER A 541 -8.78 12.69 -11.30
N SER A 542 -9.89 12.97 -11.98
CA SER A 542 -10.93 11.96 -12.13
C SER A 542 -10.42 10.71 -12.86
N ARG A 543 -9.67 10.89 -13.97
CA ARG A 543 -9.01 9.74 -14.58
C ARG A 543 -7.99 9.14 -13.63
N ASP A 544 -7.08 9.96 -13.09
CA ASP A 544 -6.13 9.47 -12.09
C ASP A 544 -6.74 8.52 -11.06
N ARG A 545 -7.87 8.91 -10.47
CA ARG A 545 -8.49 8.09 -9.42
C ARG A 545 -9.04 6.78 -9.97
N GLN A 546 -9.37 6.73 -11.26
CA GLN A 546 -9.82 5.48 -11.86
C GLN A 546 -8.69 4.53 -12.14
N ILE A 547 -7.55 5.01 -12.63
CA ILE A 547 -6.37 4.14 -12.71
C ILE A 547 -6.01 3.65 -11.30
N LEU A 548 -6.06 4.53 -10.31
CA LEU A 548 -5.81 4.12 -8.93
C LEU A 548 -6.73 2.98 -8.53
N ASP A 549 -8.01 3.07 -8.87
CA ASP A 549 -8.95 2.01 -8.54
C ASP A 549 -8.50 0.67 -9.12
N TRP A 550 -7.98 0.65 -10.34
CA TRP A 550 -7.48 -0.59 -10.90
C TRP A 550 -6.36 -1.18 -10.05
N HIS A 551 -5.41 -0.36 -9.60
CA HIS A 551 -4.41 -0.91 -8.68
C HIS A 551 -5.01 -1.37 -7.35
N PHE A 552 -6.17 -0.87 -6.97
CA PHE A 552 -6.84 -1.40 -5.79
C PHE A 552 -7.56 -2.71 -6.09
N ALA A 553 -8.12 -2.76 -7.28
CA ALA A 553 -8.91 -3.94 -7.64
C ALA A 553 -7.96 -5.09 -7.66
N ASN A 554 -6.91 -4.93 -8.44
CA ASN A 554 -5.93 -6.01 -8.50
C ASN A 554 -5.42 -6.24 -7.10
N LEU A 555 -5.41 -5.23 -6.26
CA LEU A 555 -4.99 -5.58 -4.89
C LEU A 555 -6.08 -6.42 -4.29
N GLU A 556 -7.34 -6.06 -4.47
CA GLU A 556 -8.42 -6.86 -3.86
C GLU A 556 -8.43 -8.22 -4.50
N PHE A 557 -8.14 -8.29 -5.79
CA PHE A 557 -8.03 -9.57 -6.48
C PHE A 557 -6.96 -10.36 -5.81
N ALA A 558 -5.83 -9.83 -5.36
CA ALA A 558 -4.91 -10.79 -4.82
C ALA A 558 -5.57 -11.31 -3.60
N ASN A 559 -6.09 -10.52 -2.69
CA ASN A 559 -6.48 -11.17 -1.43
C ASN A 559 -7.89 -11.69 -1.43
N ALA A 560 -8.56 -11.64 -2.56
CA ALA A 560 -9.92 -12.18 -2.71
C ALA A 560 -10.92 -11.51 -1.82
N THR A 561 -10.77 -10.26 -1.46
CA THR A 561 -11.84 -9.66 -0.66
C THR A 561 -11.76 -8.17 -0.83
N PRO A 562 -12.83 -7.47 -0.56
CA PRO A 562 -12.81 -6.07 -0.70
C PRO A 562 -11.92 -5.57 0.41
N LEU A 563 -11.09 -4.60 0.13
CA LEU A 563 -10.14 -4.07 1.12
C LEU A 563 -10.83 -3.68 2.39
N SER A 564 -12.05 -3.26 2.29
CA SER A 564 -12.78 -2.80 3.46
C SER A 564 -12.87 -3.84 4.55
N THR A 565 -12.45 -5.07 4.27
CA THR A 565 -12.51 -6.19 5.18
C THR A 565 -11.14 -6.65 5.71
N LEU A 566 -10.08 -6.54 4.90
CA LEU A 566 -8.73 -6.88 5.34
C LEU A 566 -8.35 -6.15 6.62
N SER A 567 -7.76 -6.85 7.58
CA SER A 567 -7.31 -6.19 8.79
C SER A 567 -6.12 -5.30 8.47
N LEU A 568 -6.18 -4.04 8.88
CA LEU A 568 -5.04 -3.15 8.65
C LEU A 568 -3.80 -3.67 9.35
N LYS A 569 -3.92 -4.05 10.61
CA LYS A 569 -2.72 -4.47 11.32
C LYS A 569 -2.11 -5.73 10.70
N HIS A 570 -2.92 -6.70 10.28
CA HIS A 570 -2.40 -8.04 10.02
C HIS A 570 -2.47 -8.52 8.56
N TRP A 571 -2.81 -7.65 7.61
CA TRP A 571 -3.11 -8.20 6.29
C TRP A 571 -1.87 -8.67 5.54
N ASP A 572 -0.69 -8.15 5.87
CA ASP A 572 0.55 -8.51 5.20
C ASP A 572 1.51 -9.22 6.14
N GLN A 573 0.95 -9.95 7.13
CA GLN A 573 1.74 -10.71 8.10
C GLN A 573 2.52 -11.86 7.46
N ASP A 574 2.01 -12.44 6.35
CA ASP A 574 2.68 -13.54 5.64
C ASP A 574 3.72 -13.07 4.62
N ASP A 575 3.86 -11.74 4.42
CA ASP A 575 4.79 -11.15 3.47
C ASP A 575 6.25 -11.47 3.81
N ASP A 576 6.51 -11.90 5.03
CA ASP A 576 7.88 -12.12 5.49
C ASP A 576 8.46 -13.45 5.03
N PHE A 577 7.57 -14.40 4.69
CA PHE A 577 7.93 -15.76 4.27
C PHE A 577 7.84 -15.94 2.77
N GLU A 578 7.79 -14.84 2.02
CA GLU A 578 7.66 -14.87 0.57
C GLU A 578 8.77 -15.72 -0.05
N PHE A 579 8.43 -16.42 -1.13
CA PHE A 579 9.42 -17.20 -1.84
C PHE A 579 10.24 -16.31 -2.78
N THR A 580 11.36 -16.83 -3.25
CA THR A 580 12.12 -16.11 -4.26
C THR A 580 11.81 -16.66 -5.65
N GLY A 581 12.06 -15.85 -6.68
CA GLY A 581 11.96 -16.29 -8.06
C GLY A 581 10.74 -15.72 -8.77
N SER A 582 10.78 -15.83 -10.09
CA SER A 582 9.67 -15.36 -10.91
C SER A 582 8.39 -16.06 -10.49
N HIS A 583 7.26 -15.45 -10.81
CA HIS A 583 6.00 -16.18 -10.70
C HIS A 583 5.73 -16.94 -12.00
N LEU A 584 4.97 -18.03 -11.88
CA LEU A 584 4.77 -18.95 -13.00
C LEU A 584 3.30 -19.34 -13.11
N THR A 585 2.94 -19.86 -14.28
CA THR A 585 1.64 -20.46 -14.52
C THR A 585 1.85 -21.86 -15.08
N VAL A 586 0.76 -22.56 -15.30
CA VAL A 586 0.95 -23.97 -15.66
C VAL A 586 0.29 -24.25 -16.98
N ARG A 587 1.08 -24.45 -18.00
CA ARG A 587 0.43 -24.64 -19.29
C ARG A 587 -0.41 -25.90 -19.31
N ASN A 588 0.04 -27.01 -18.78
CA ASN A 588 -0.79 -28.23 -19.01
C ASN A 588 -1.95 -28.28 -18.06
N GLY A 589 -2.25 -27.21 -17.38
CA GLY A 589 -3.39 -27.29 -16.47
C GLY A 589 -3.05 -27.85 -15.11
N TYR A 590 -3.24 -27.04 -14.06
CA TYR A 590 -2.64 -27.35 -12.77
C TYR A 590 -3.39 -28.44 -12.03
N SER A 591 -4.43 -28.99 -12.67
CA SER A 591 -5.04 -30.23 -12.22
C SER A 591 -4.09 -31.40 -12.33
N CYS A 592 -3.06 -31.30 -13.16
CA CYS A 592 -2.18 -32.46 -13.32
C CYS A 592 -1.60 -32.90 -11.98
N VAL A 593 -1.42 -31.97 -11.04
CA VAL A 593 -0.79 -32.23 -9.74
C VAL A 593 -1.70 -33.01 -8.80
N PRO A 594 -2.90 -32.50 -8.44
CA PRO A 594 -3.75 -33.31 -7.57
C PRO A 594 -4.01 -34.68 -8.16
N VAL A 595 -4.35 -34.73 -9.44
CA VAL A 595 -4.55 -36.00 -10.13
C VAL A 595 -3.34 -36.90 -9.93
N ALA A 596 -2.15 -36.34 -10.13
CA ALA A 596 -0.94 -37.11 -9.90
C ALA A 596 -0.86 -37.62 -8.46
N LEU A 597 -1.25 -36.80 -7.50
CA LEU A 597 -1.11 -37.24 -6.11
C LEU A 597 -2.09 -38.34 -5.78
N ALA A 598 -3.30 -38.26 -6.33
CA ALA A 598 -4.37 -39.23 -6.06
C ALA A 598 -4.01 -40.66 -6.49
N GLU A 599 -2.97 -40.85 -7.29
CA GLU A 599 -2.58 -42.19 -7.76
C GLU A 599 -2.17 -43.10 -6.61
N GLY A 600 -2.94 -44.15 -6.39
CA GLY A 600 -2.61 -45.13 -5.39
C GLY A 600 -3.42 -45.02 -4.12
N LEU A 601 -4.41 -44.14 -4.09
CA LEU A 601 -5.09 -43.75 -2.87
C LEU A 601 -6.54 -44.19 -2.94
N ASP A 602 -7.14 -44.44 -1.78
CA ASP A 602 -8.52 -44.93 -1.72
C ASP A 602 -9.48 -43.74 -1.65
N ILE A 603 -10.15 -43.43 -2.75
CA ILE A 603 -10.90 -42.20 -2.82
C ILE A 603 -12.34 -42.53 -3.19
N LYS A 604 -13.28 -42.10 -2.34
CA LYS A 604 -14.70 -42.28 -2.57
C LYS A 604 -15.29 -40.98 -3.10
N LEU A 605 -15.47 -40.88 -4.42
CA LEU A 605 -16.05 -39.67 -5.00
C LEU A 605 -17.56 -39.72 -4.94
N ASN A 606 -18.17 -38.53 -4.99
CA ASN A 606 -19.62 -38.38 -4.86
C ASN A 606 -20.09 -38.86 -3.50
N THR A 607 -19.38 -38.42 -2.47
CA THR A 607 -19.52 -38.93 -1.12
C THR A 607 -19.53 -37.69 -0.22
N ALA A 608 -20.70 -37.18 0.07
CA ALA A 608 -20.78 -35.93 0.84
C ALA A 608 -20.80 -36.25 2.33
N VAL A 609 -19.71 -35.93 3.02
CA VAL A 609 -19.72 -36.11 4.46
C VAL A 609 -20.72 -35.14 5.06
N ARG A 610 -21.40 -35.58 6.10
CA ARG A 610 -22.60 -34.91 6.57
C ARG A 610 -22.72 -34.92 8.09
N GLN A 611 -22.08 -35.85 8.78
CA GLN A 611 -21.94 -35.79 10.23
C GLN A 611 -20.61 -36.44 10.63
N VAL A 612 -19.90 -35.81 11.57
CA VAL A 612 -18.63 -36.30 12.10
C VAL A 612 -18.78 -36.53 13.60
N ARG A 613 -18.56 -37.77 14.02
CA ARG A 613 -18.81 -38.27 15.37
C ARG A 613 -17.48 -38.76 15.91
N TYR A 614 -16.96 -38.08 16.94
CA TYR A 614 -15.68 -38.44 17.53
C TYR A 614 -15.87 -38.65 19.02
N THR A 615 -15.33 -39.76 19.53
CA THR A 615 -15.50 -40.08 20.94
C THR A 615 -14.23 -40.72 21.47
N ALA A 616 -14.23 -40.94 22.78
CA ALA A 616 -13.04 -41.41 23.46
C ALA A 616 -12.42 -42.61 22.74
N SER A 617 -13.25 -43.48 22.19
CA SER A 617 -12.82 -44.77 21.68
C SER A 617 -12.67 -44.81 20.17
N GLY A 618 -13.01 -43.73 19.47
CA GLY A 618 -12.86 -43.67 18.03
C GLY A 618 -13.87 -42.72 17.39
N CYS A 619 -13.92 -42.79 16.05
CA CYS A 619 -14.77 -41.91 15.27
C CYS A 619 -15.65 -42.65 14.28
N GLU A 620 -16.82 -42.05 14.05
CA GLU A 620 -17.76 -42.41 13.01
C GLU A 620 -17.96 -41.21 12.09
N VAL A 621 -17.81 -41.43 10.79
CA VAL A 621 -18.12 -40.42 9.78
C VAL A 621 -19.36 -40.88 9.04
N ILE A 622 -20.29 -39.96 8.77
CA ILE A 622 -21.57 -40.31 8.15
C ILE A 622 -21.71 -39.50 6.88
N ALA A 623 -21.69 -40.18 5.73
CA ALA A 623 -21.78 -39.54 4.43
C ALA A 623 -22.99 -40.05 3.64
N VAL A 624 -23.39 -39.28 2.63
CA VAL A 624 -24.41 -39.70 1.69
C VAL A 624 -23.80 -39.74 0.30
N ASN A 625 -24.54 -40.34 -0.63
CA ASN A 625 -24.21 -40.28 -2.04
C ASN A 625 -24.79 -39.00 -2.65
N THR A 626 -23.93 -38.23 -3.33
CA THR A 626 -24.36 -36.91 -3.81
C THR A 626 -25.43 -37.02 -4.89
N ARG A 627 -25.48 -38.16 -5.60
CA ARG A 627 -26.41 -38.34 -6.70
C ARG A 627 -27.83 -38.67 -6.21
N SER A 628 -27.98 -39.77 -5.44
CA SER A 628 -29.17 -40.05 -4.63
C SER A 628 -28.80 -39.81 -3.18
N THR A 629 -29.25 -38.68 -2.60
CA THR A 629 -28.93 -38.40 -1.20
C THR A 629 -29.58 -39.40 -0.25
N SER A 630 -30.32 -40.39 -0.77
CA SER A 630 -30.87 -41.44 0.08
C SER A 630 -29.76 -42.34 0.62
N GLN A 631 -28.91 -42.81 -0.26
CA GLN A 631 -28.00 -43.90 0.04
C GLN A 631 -26.92 -43.44 1.03
N THR A 632 -26.99 -43.96 2.26
CA THR A 632 -26.22 -43.51 3.42
C THR A 632 -25.02 -44.42 3.69
N PHE A 633 -23.93 -43.82 4.20
CA PHE A 633 -22.65 -44.50 4.46
C PHE A 633 -22.13 -44.23 5.87
N ILE A 634 -21.65 -45.28 6.54
CA ILE A 634 -21.00 -45.16 7.85
C ILE A 634 -19.55 -45.63 7.77
N TYR A 635 -18.64 -44.80 8.29
CA TYR A 635 -17.21 -45.03 8.28
C TYR A 635 -16.67 -44.95 9.71
N LYS A 636 -16.01 -46.00 10.16
CA LYS A 636 -15.44 -46.11 11.50
C LYS A 636 -13.94 -45.90 11.38
N CYS A 637 -13.34 -45.13 12.29
CA CYS A 637 -11.89 -44.99 12.21
C CYS A 637 -11.34 -44.50 13.54
N ASP A 638 -9.99 -44.58 13.64
CA ASP A 638 -9.28 -44.04 14.79
C ASP A 638 -9.25 -42.51 14.79
N ALA A 639 -9.03 -41.88 13.64
CA ALA A 639 -8.96 -40.42 13.58
C ALA A 639 -9.55 -39.89 12.28
N VAL A 640 -10.08 -38.67 12.35
CA VAL A 640 -10.62 -37.95 11.21
C VAL A 640 -9.77 -36.72 10.95
N LEU A 641 -9.25 -36.61 9.71
CA LEU A 641 -8.57 -35.43 9.21
C LEU A 641 -9.55 -34.63 8.35
N CYS A 642 -9.85 -33.41 8.77
CA CYS A 642 -10.86 -32.57 8.14
C CYS A 642 -10.17 -31.51 7.27
N THR A 643 -10.26 -31.66 5.94
CA THR A 643 -9.78 -30.57 5.08
C THR A 643 -10.97 -29.83 4.46
N LEU A 644 -12.06 -29.74 5.21
CA LEU A 644 -13.22 -29.01 4.72
C LEU A 644 -12.86 -27.54 4.56
N PRO A 645 -13.14 -26.93 3.42
CA PRO A 645 -12.86 -25.51 3.21
C PRO A 645 -13.44 -24.66 4.33
N LEU A 646 -12.80 -23.52 4.58
CA LEU A 646 -13.28 -22.68 5.67
C LEU A 646 -14.69 -22.15 5.37
N GLY A 647 -15.03 -21.94 4.09
CA GLY A 647 -16.37 -21.48 3.76
C GLY A 647 -17.44 -22.46 4.17
N VAL A 648 -17.09 -23.74 4.20
CA VAL A 648 -18.01 -24.81 4.57
C VAL A 648 -18.11 -24.90 6.07
N LEU A 649 -16.96 -24.89 6.75
CA LEU A 649 -16.96 -24.76 8.21
C LEU A 649 -17.70 -23.51 8.67
N LYS A 650 -17.81 -22.50 7.82
CA LYS A 650 -18.47 -21.26 8.24
C LYS A 650 -19.97 -21.37 8.13
N GLN A 651 -20.46 -22.31 7.31
CA GLN A 651 -21.84 -22.31 6.82
C GLN A 651 -22.81 -22.44 7.98
N GLN A 652 -23.87 -21.62 7.93
CA GLN A 652 -25.00 -21.63 8.87
C GLN A 652 -26.27 -21.54 8.03
N PRO A 653 -27.14 -22.56 8.07
CA PRO A 653 -26.99 -23.64 9.05
C PRO A 653 -26.10 -24.75 8.50
N PRO A 654 -25.52 -25.54 9.41
CA PRO A 654 -24.27 -26.26 9.08
C PRO A 654 -24.44 -27.30 7.99
N ALA A 655 -23.53 -27.32 7.04
CA ALA A 655 -23.51 -28.41 6.08
C ALA A 655 -22.93 -29.68 6.66
N VAL A 656 -22.05 -29.58 7.66
CA VAL A 656 -21.53 -30.74 8.36
C VAL A 656 -21.70 -30.53 9.86
N GLN A 657 -22.24 -31.53 10.53
CA GLN A 657 -22.55 -31.49 11.95
C GLN A 657 -21.48 -32.27 12.71
N PHE A 658 -20.91 -31.63 13.73
CA PHE A 658 -19.91 -32.27 14.57
C PHE A 658 -20.56 -32.72 15.86
N VAL A 659 -20.33 -33.99 16.19
CA VAL A 659 -20.97 -34.62 17.34
C VAL A 659 -19.87 -35.27 18.18
N PRO A 660 -19.50 -34.64 19.34
CA PRO A 660 -20.12 -33.44 19.93
C PRO A 660 -19.78 -32.18 19.17
N PRO A 661 -20.35 -31.03 19.50
CA PRO A 661 -20.03 -29.82 18.74
C PRO A 661 -18.58 -29.40 18.93
N LEU A 662 -18.06 -28.69 17.94
CA LEU A 662 -16.74 -28.10 18.08
C LEU A 662 -16.74 -27.06 19.20
N PRO A 663 -15.73 -27.06 20.05
CA PRO A 663 -15.71 -26.15 21.21
C PRO A 663 -15.66 -24.71 20.78
N GLU A 664 -15.97 -23.79 21.70
CA GLU A 664 -16.12 -22.40 21.28
C GLU A 664 -14.83 -21.88 20.67
N TRP A 665 -13.71 -22.16 21.32
CA TRP A 665 -12.46 -21.63 20.83
C TRP A 665 -12.22 -21.93 19.37
N LYS A 666 -12.72 -23.06 18.87
CA LYS A 666 -12.60 -23.38 17.45
C LYS A 666 -13.68 -22.69 16.61
N THR A 667 -14.94 -22.69 17.04
CA THR A 667 -16.00 -22.09 16.24
C THR A 667 -15.79 -20.59 16.11
N SER A 668 -15.30 -19.97 17.18
CA SER A 668 -15.06 -18.54 17.17
C SER A 668 -13.98 -18.20 16.18
N ALA A 669 -12.90 -18.98 16.16
CA ALA A 669 -11.87 -18.79 15.16
C ALA A 669 -12.44 -18.91 13.76
N VAL A 670 -13.50 -19.70 13.59
CA VAL A 670 -14.12 -19.83 12.29
C VAL A 670 -14.97 -18.61 11.93
N GLN A 671 -15.63 -17.97 12.90
CA GLN A 671 -16.33 -16.73 12.59
C GLN A 671 -15.37 -15.59 12.30
N ARG A 672 -14.29 -15.51 13.07
CA ARG A 672 -13.40 -14.38 12.96
C ARG A 672 -12.68 -14.37 11.62
N MET A 673 -12.17 -15.52 11.19
CA MET A 673 -11.39 -15.55 9.95
C MET A 673 -12.22 -15.12 8.77
N GLY A 674 -11.53 -14.90 7.67
CA GLY A 674 -12.22 -14.40 6.51
C GLY A 674 -12.12 -15.37 5.37
N PHE A 675 -13.24 -15.57 4.71
CA PHE A 675 -13.21 -16.41 3.52
C PHE A 675 -13.55 -15.52 2.36
N GLY A 676 -12.64 -15.42 1.42
CA GLY A 676 -12.83 -14.47 0.33
C GLY A 676 -13.57 -15.02 -0.84
N ASN A 677 -13.48 -14.31 -1.94
CA ASN A 677 -14.12 -14.77 -3.17
C ASN A 677 -13.38 -14.15 -4.33
N LEU A 678 -13.27 -14.90 -5.42
CA LEU A 678 -12.62 -14.50 -6.66
C LEU A 678 -13.30 -15.28 -7.77
N ASN A 679 -13.33 -14.80 -8.99
CA ASN A 679 -14.00 -15.63 -10.00
C ASN A 679 -13.36 -15.43 -11.35
N LYS A 680 -13.50 -16.37 -12.27
CA LYS A 680 -12.86 -16.09 -13.56
C LYS A 680 -13.77 -16.44 -14.69
N VAL A 681 -13.49 -15.91 -15.87
CA VAL A 681 -14.28 -16.15 -17.07
C VAL A 681 -13.33 -16.64 -18.14
N VAL A 682 -13.56 -17.85 -18.65
CA VAL A 682 -12.65 -18.45 -19.63
C VAL A 682 -13.19 -18.20 -21.03
N LEU A 683 -12.39 -17.49 -21.84
CA LEU A 683 -12.74 -17.06 -23.19
C LEU A 683 -11.88 -17.85 -24.18
N CYS A 684 -12.55 -18.69 -24.97
CA CYS A 684 -11.92 -19.63 -25.89
C CYS A 684 -12.16 -19.18 -27.33
N PHE A 685 -11.10 -18.75 -28.00
CA PHE A 685 -11.25 -18.26 -29.35
C PHE A 685 -10.60 -19.25 -30.33
N ASP A 686 -10.66 -18.92 -31.61
CA ASP A 686 -9.95 -19.65 -32.67
C ASP A 686 -8.85 -18.84 -33.33
N ARG A 687 -8.81 -17.53 -33.10
CA ARG A 687 -7.72 -16.65 -33.51
C ARG A 687 -7.02 -16.15 -32.27
N VAL A 688 -5.72 -15.92 -32.36
CA VAL A 688 -5.08 -15.03 -31.41
C VAL A 688 -5.26 -13.60 -31.93
N PHE A 689 -5.95 -12.75 -31.17
CA PHE A 689 -6.08 -11.36 -31.59
C PHE A 689 -5.48 -10.37 -30.59
N TRP A 690 -4.81 -10.84 -29.56
CA TRP A 690 -4.18 -9.96 -28.59
C TRP A 690 -2.70 -9.98 -28.86
N ASP A 691 -2.01 -9.12 -28.13
CA ASP A 691 -0.56 -9.12 -28.18
C ASP A 691 -0.01 -10.41 -27.59
N PRO A 692 0.57 -11.30 -28.40
CA PRO A 692 1.06 -12.57 -27.86
C PRO A 692 2.26 -12.40 -26.97
N SER A 693 2.86 -11.23 -26.89
CA SER A 693 4.02 -11.08 -26.04
C SER A 693 3.67 -10.62 -24.62
N VAL A 694 2.42 -10.18 -24.39
CA VAL A 694 1.97 -9.86 -23.05
C VAL A 694 1.25 -11.07 -22.49
N ASN A 695 1.59 -11.42 -21.24
CA ASN A 695 0.85 -12.46 -20.54
C ASN A 695 -0.47 -11.95 -20.00
N LEU A 696 -0.56 -10.63 -19.78
CA LEU A 696 -1.64 -10.04 -19.02
C LEU A 696 -1.76 -8.55 -19.26
N PHE A 697 -2.99 -8.06 -19.32
CA PHE A 697 -3.30 -6.67 -19.57
C PHE A 697 -4.61 -6.31 -18.89
N GLY A 698 -4.71 -5.08 -18.38
CA GLY A 698 -5.80 -4.66 -17.53
C GLY A 698 -6.90 -3.91 -18.29
N HIS A 699 -8.02 -3.71 -17.58
CA HIS A 699 -9.13 -2.88 -18.04
C HIS A 699 -9.56 -2.01 -16.87
N VAL A 700 -9.63 -0.72 -17.08
CA VAL A 700 -9.88 0.20 -15.99
C VAL A 700 -11.38 0.43 -15.91
N GLY A 701 -11.92 0.39 -14.70
CA GLY A 701 -13.35 0.40 -14.53
C GLY A 701 -13.88 1.80 -14.26
N SER A 702 -15.10 2.03 -14.75
CA SER A 702 -15.65 3.39 -14.84
C SER A 702 -15.92 4.01 -13.48
N THR A 703 -16.13 3.19 -12.45
CA THR A 703 -16.44 3.68 -11.13
C THR A 703 -15.55 2.99 -10.12
N THR A 704 -15.58 3.49 -8.87
CA THR A 704 -15.01 2.74 -7.77
C THR A 704 -15.82 1.47 -7.50
N ALA A 705 -17.14 1.52 -7.68
CA ALA A 705 -17.99 0.38 -7.31
C ALA A 705 -17.75 -0.83 -8.19
N SER A 706 -17.28 -0.65 -9.43
CA SER A 706 -17.06 -1.77 -10.32
C SER A 706 -15.59 -1.92 -10.67
N ARG A 707 -14.69 -1.51 -9.77
CA ARG A 707 -13.26 -1.57 -10.09
C ARG A 707 -12.81 -3.00 -10.35
N GLY A 708 -13.50 -3.99 -9.77
CA GLY A 708 -13.06 -5.34 -9.92
C GLY A 708 -13.71 -6.09 -11.04
N GLU A 709 -14.66 -5.47 -11.73
CA GLU A 709 -15.50 -6.18 -12.70
C GLU A 709 -14.73 -6.30 -14.01
N LEU A 710 -14.21 -7.51 -14.26
CA LEU A 710 -13.46 -7.84 -15.47
C LEU A 710 -12.20 -6.96 -15.64
N PHE A 711 -11.45 -6.79 -14.56
CA PHE A 711 -10.48 -5.71 -14.57
C PHE A 711 -9.15 -6.17 -15.14
N LEU A 712 -9.00 -7.46 -15.46
CA LEU A 712 -7.69 -7.99 -15.84
C LEU A 712 -7.84 -9.28 -16.64
N PHE A 713 -6.99 -9.43 -17.68
CA PHE A 713 -7.06 -10.55 -18.61
C PHE A 713 -5.70 -11.25 -18.64
N TRP A 714 -5.70 -12.56 -18.91
CA TRP A 714 -4.45 -13.34 -18.95
C TRP A 714 -4.38 -14.14 -20.24
N ASN A 715 -3.29 -13.92 -20.99
CA ASN A 715 -2.90 -14.76 -22.13
C ASN A 715 -1.92 -15.77 -21.58
N LEU A 716 -2.44 -16.92 -21.14
CA LEU A 716 -1.55 -17.87 -20.49
C LEU A 716 -1.20 -19.09 -21.30
N TYR A 717 -2.02 -19.48 -22.28
CA TYR A 717 -2.00 -20.84 -22.80
C TYR A 717 -1.60 -20.94 -24.26
N LYS A 718 -1.16 -22.16 -24.62
CA LYS A 718 -1.02 -22.73 -25.97
C LYS A 718 -2.16 -22.38 -26.91
N ALA A 719 -3.40 -22.72 -26.52
CA ALA A 719 -4.54 -22.37 -27.36
C ALA A 719 -4.85 -20.88 -27.26
N PRO A 720 -5.60 -20.34 -28.20
CA PRO A 720 -6.12 -18.98 -28.02
C PRO A 720 -7.16 -18.85 -26.92
N ILE A 721 -6.68 -18.78 -25.68
CA ILE A 721 -7.53 -18.63 -24.50
C ILE A 721 -7.09 -17.38 -23.75
N LEU A 722 -8.06 -16.47 -23.56
CA LEU A 722 -7.94 -15.37 -22.61
C LEU A 722 -8.77 -15.69 -21.38
N LEU A 723 -8.32 -15.16 -20.24
CA LEU A 723 -8.91 -15.49 -18.97
C LEU A 723 -9.09 -14.20 -18.19
N ALA A 724 -10.31 -13.97 -17.70
CA ALA A 724 -10.71 -12.68 -17.16
C ALA A 724 -11.19 -12.77 -15.72
N LEU A 725 -10.59 -11.96 -14.84
CA LEU A 725 -10.86 -11.94 -13.39
C LEU A 725 -12.08 -11.10 -13.01
N VAL A 726 -12.77 -11.51 -11.95
CA VAL A 726 -13.83 -10.70 -11.34
C VAL A 726 -13.51 -10.64 -9.84
N ALA A 727 -12.93 -9.53 -9.39
CA ALA A 727 -12.43 -9.48 -8.01
C ALA A 727 -13.26 -8.53 -7.17
N GLY A 728 -12.89 -8.43 -5.90
CA GLY A 728 -13.46 -7.42 -5.01
C GLY A 728 -14.96 -7.57 -4.80
N GLU A 729 -15.60 -6.44 -4.51
CA GLU A 729 -17.05 -6.42 -4.35
C GLU A 729 -17.74 -7.00 -5.56
N ALA A 730 -17.20 -6.72 -6.75
CA ALA A 730 -17.72 -7.21 -8.02
C ALA A 730 -17.86 -8.73 -8.08
N ALA A 731 -17.11 -9.47 -7.26
CA ALA A 731 -17.06 -10.92 -7.43
C ALA A 731 -18.36 -11.56 -7.05
N GLY A 732 -18.84 -11.25 -5.86
CA GLY A 732 -20.08 -11.82 -5.37
C GLY A 732 -21.33 -11.29 -6.03
N ILE A 733 -21.22 -10.20 -6.80
CA ILE A 733 -22.39 -9.64 -7.48
C ILE A 733 -22.55 -10.24 -8.87
N MET A 734 -21.45 -10.42 -9.59
CA MET A 734 -21.49 -11.09 -10.88
C MET A 734 -21.94 -12.55 -10.79
N GLU A 735 -21.98 -13.11 -9.59
CA GLU A 735 -22.48 -14.48 -9.47
C GLU A 735 -23.99 -14.56 -9.68
N ASN A 736 -24.70 -13.42 -9.75
CA ASN A 736 -26.14 -13.38 -9.98
C ASN A 736 -26.51 -12.91 -11.37
N ILE A 737 -25.58 -13.14 -12.27
CA ILE A 737 -25.71 -12.85 -13.71
C ILE A 737 -25.24 -14.14 -14.35
N SER A 738 -25.88 -14.57 -15.43
CA SER A 738 -25.62 -15.76 -16.27
C SER A 738 -24.31 -15.73 -17.08
N ASP A 739 -24.03 -16.75 -17.87
CA ASP A 739 -22.77 -16.64 -18.63
C ASP A 739 -22.83 -15.59 -19.74
N ASP A 740 -23.86 -15.64 -20.57
CA ASP A 740 -23.94 -14.82 -21.79
C ASP A 740 -23.81 -13.36 -21.43
N VAL A 741 -24.54 -12.98 -20.43
CA VAL A 741 -24.56 -11.57 -19.97
C VAL A 741 -23.14 -11.21 -19.63
N ILE A 742 -22.50 -12.07 -18.86
CA ILE A 742 -21.11 -11.79 -18.43
C ILE A 742 -20.24 -11.82 -19.65
N VAL A 743 -20.44 -12.76 -20.53
CA VAL A 743 -19.55 -12.87 -21.69
C VAL A 743 -19.67 -11.63 -22.54
N GLY A 744 -20.88 -11.11 -22.69
CA GLY A 744 -21.10 -9.94 -23.55
C GLY A 744 -20.27 -8.80 -23.06
N ARG A 745 -20.25 -8.56 -21.76
CA ARG A 745 -19.40 -7.48 -21.25
C ARG A 745 -17.95 -7.78 -21.55
N CYS A 746 -17.51 -9.02 -21.46
CA CYS A 746 -16.10 -9.24 -21.80
C CYS A 746 -15.86 -8.93 -23.25
N LEU A 747 -16.77 -9.30 -24.12
CA LEU A 747 -16.51 -9.02 -25.54
C LEU A 747 -16.38 -7.52 -25.68
N ALA A 748 -17.38 -6.85 -25.16
CA ALA A 748 -17.38 -5.39 -25.14
C ALA A 748 -16.03 -4.80 -24.78
N ILE A 749 -15.51 -5.14 -23.59
CA ILE A 749 -14.25 -4.57 -23.14
C ILE A 749 -13.12 -4.90 -24.11
N LEU A 750 -13.15 -6.09 -24.72
CA LEU A 750 -12.10 -6.47 -25.65
C LEU A 750 -12.21 -5.71 -26.97
N LYS A 751 -13.43 -5.59 -27.51
CA LYS A 751 -13.74 -4.68 -28.61
C LYS A 751 -13.04 -3.33 -28.44
N GLY A 752 -13.26 -2.70 -27.27
CA GLY A 752 -12.64 -1.41 -26.98
C GLY A 752 -11.15 -1.39 -27.21
N ILE A 753 -10.43 -2.38 -26.64
CA ILE A 753 -8.98 -2.36 -26.83
C ILE A 753 -8.56 -2.81 -28.22
N PHE A 754 -9.34 -3.64 -28.91
CA PHE A 754 -8.84 -4.16 -30.19
C PHE A 754 -9.70 -3.88 -31.42
N GLY A 755 -10.89 -3.29 -31.26
CA GLY A 755 -11.74 -2.92 -32.39
C GLY A 755 -12.76 -3.98 -32.75
N SER A 756 -14.00 -3.57 -33.11
CA SER A 756 -15.09 -4.54 -33.22
C SER A 756 -14.86 -5.58 -34.31
N SER A 757 -13.98 -5.29 -35.26
CA SER A 757 -13.61 -6.28 -36.28
C SER A 757 -12.78 -7.40 -35.67
N ALA A 758 -11.82 -7.05 -34.80
CA ALA A 758 -10.68 -7.90 -34.50
C ALA A 758 -10.99 -9.04 -33.53
N VAL A 759 -12.16 -9.05 -32.89
CA VAL A 759 -12.46 -10.08 -31.89
C VAL A 759 -13.73 -10.84 -32.24
N PRO A 760 -13.62 -12.14 -32.59
CA PRO A 760 -14.80 -12.94 -32.92
C PRO A 760 -15.57 -13.32 -31.68
N GLN A 761 -16.72 -13.93 -31.90
CA GLN A 761 -17.39 -14.55 -30.78
C GLN A 761 -16.64 -15.81 -30.34
N PRO A 762 -16.56 -16.06 -29.04
CA PRO A 762 -15.80 -17.22 -28.56
C PRO A 762 -16.51 -18.53 -28.83
N LYS A 763 -15.69 -19.56 -29.07
CA LYS A 763 -16.22 -20.89 -29.34
C LYS A 763 -16.75 -21.55 -28.07
N GLU A 764 -15.96 -21.49 -26.98
CA GLU A 764 -16.27 -22.09 -25.69
C GLU A 764 -16.11 -21.09 -24.55
N THR A 765 -17.12 -21.03 -23.66
CA THR A 765 -17.11 -20.12 -22.53
C THR A 765 -17.46 -20.83 -21.22
N VAL A 766 -16.70 -20.51 -20.16
CA VAL A 766 -16.91 -20.99 -18.80
C VAL A 766 -16.86 -19.81 -17.84
N VAL A 767 -17.78 -19.78 -16.88
CA VAL A 767 -17.76 -18.83 -15.77
C VAL A 767 -17.74 -19.58 -14.46
N SER A 768 -16.87 -19.16 -13.54
CA SER A 768 -16.81 -19.70 -12.18
C SER A 768 -17.77 -18.97 -11.24
N ARG A 769 -18.21 -19.69 -10.18
CA ARG A 769 -19.01 -19.13 -9.05
C ARG A 769 -18.63 -19.81 -7.73
N TRP A 770 -17.49 -19.41 -7.16
CA TRP A 770 -16.92 -20.14 -6.04
C TRP A 770 -17.68 -19.91 -4.74
N ARG A 771 -18.23 -18.71 -4.53
CA ARG A 771 -19.09 -18.51 -3.37
C ARG A 771 -20.39 -19.27 -3.53
N ALA A 772 -20.85 -19.45 -4.76
CA ALA A 772 -22.02 -20.27 -5.00
C ALA A 772 -21.75 -21.75 -4.72
N ASP A 773 -20.62 -22.26 -5.21
CA ASP A 773 -20.26 -23.66 -5.04
C ASP A 773 -20.38 -24.06 -3.56
N PRO A 774 -21.11 -25.13 -3.24
CA PRO A 774 -21.29 -25.54 -1.84
C PRO A 774 -20.19 -26.40 -1.26
N TRP A 775 -19.20 -26.85 -2.05
CA TRP A 775 -17.98 -27.47 -1.56
C TRP A 775 -16.83 -26.45 -1.44
N ALA A 776 -17.16 -25.17 -1.53
CA ALA A 776 -16.17 -24.13 -1.40
C ALA A 776 -16.77 -23.04 -0.54
N ARG A 777 -17.85 -22.46 -1.03
CA ARG A 777 -18.45 -21.27 -0.44
C ARG A 777 -17.43 -20.13 -0.38
N GLY A 778 -16.68 -19.97 -1.46
CA GLY A 778 -15.67 -18.94 -1.53
C GLY A 778 -14.39 -19.47 -2.12
N SER A 779 -13.36 -18.62 -2.20
CA SER A 779 -12.13 -18.91 -2.93
C SER A 779 -10.95 -19.24 -2.03
N TYR A 780 -10.63 -18.40 -1.04
CA TYR A 780 -9.60 -18.76 -0.07
C TYR A 780 -9.68 -17.81 1.11
N SER A 781 -8.82 -18.04 2.09
CA SER A 781 -8.93 -17.24 3.30
C SER A 781 -8.27 -15.88 3.11
N TYR A 782 -8.61 -14.97 4.02
CA TYR A 782 -7.94 -13.71 4.15
C TYR A 782 -7.91 -13.36 5.63
N VAL A 783 -7.12 -12.34 5.97
CA VAL A 783 -7.03 -11.98 7.37
C VAL A 783 -8.04 -10.87 7.58
N ALA A 784 -9.19 -11.22 8.14
CA ALA A 784 -10.26 -10.25 8.30
C ALA A 784 -9.90 -9.27 9.40
N ALA A 785 -10.46 -8.08 9.30
CA ALA A 785 -10.37 -7.13 10.40
C ALA A 785 -10.91 -7.79 11.68
N GLY A 786 -10.23 -7.56 12.79
CA GLY A 786 -10.60 -8.21 14.03
C GLY A 786 -10.18 -9.66 14.12
N SER A 787 -9.63 -10.22 13.05
CA SER A 787 -8.92 -11.48 13.10
C SER A 787 -7.45 -11.19 13.35
N SER A 788 -6.67 -12.26 13.48
CA SER A 788 -5.22 -12.15 13.52
C SER A 788 -4.62 -13.41 12.94
N GLY A 789 -3.30 -13.42 12.84
CA GLY A 789 -2.62 -14.63 12.41
C GLY A 789 -2.90 -15.80 13.35
N ASN A 790 -3.13 -15.50 14.62
CA ASN A 790 -3.23 -16.54 15.64
C ASN A 790 -4.45 -17.44 15.39
N ASP A 791 -5.48 -16.93 14.72
CA ASP A 791 -6.62 -17.77 14.39
C ASP A 791 -6.23 -18.89 13.44
N TYR A 792 -5.25 -18.66 12.57
CA TYR A 792 -4.74 -19.71 11.69
C TYR A 792 -4.10 -20.84 12.49
N ASP A 793 -3.61 -20.55 13.69
CA ASP A 793 -3.05 -21.58 14.54
C ASP A 793 -4.14 -22.28 15.34
N LEU A 794 -5.14 -21.53 15.76
CA LEU A 794 -6.33 -22.15 16.33
C LEU A 794 -6.93 -23.15 15.34
N MET A 795 -7.05 -22.77 14.06
CA MET A 795 -7.68 -23.67 13.09
C MET A 795 -6.96 -25.00 13.02
N ALA A 796 -5.67 -25.03 13.35
CA ALA A 796 -4.98 -26.31 13.26
C ALA A 796 -5.13 -27.17 14.53
N GLN A 797 -5.32 -26.56 15.71
CA GLN A 797 -5.26 -27.35 16.96
C GLN A 797 -6.27 -28.47 16.90
N PRO A 798 -5.83 -29.74 17.04
CA PRO A 798 -6.76 -30.86 16.94
C PRO A 798 -7.63 -31.00 18.18
N ILE A 799 -8.75 -31.73 18.02
CA ILE A 799 -9.78 -31.87 19.05
C ILE A 799 -9.68 -33.22 19.76
N THR A 800 -9.64 -33.18 21.11
CA THR A 800 -9.58 -34.37 21.95
C THR A 800 -10.88 -34.52 22.73
N PRO A 801 -11.67 -35.58 22.46
CA PRO A 801 -12.99 -35.72 23.09
C PRO A 801 -12.90 -36.03 24.57
N GLY A 802 -14.02 -35.86 25.26
CA GLY A 802 -14.11 -36.21 26.66
C GLY A 802 -14.05 -37.72 26.91
N PRO A 803 -13.71 -38.10 28.13
CA PRO A 803 -13.72 -39.52 28.48
C PRO A 803 -15.13 -40.08 28.40
N SER A 804 -15.25 -41.34 28.01
CA SER A 804 -16.57 -42.01 28.04
C SER A 804 -16.98 -42.33 29.47
N ILE A 805 -16.23 -43.22 30.14
CA ILE A 805 -16.50 -43.57 31.52
C ILE A 805 -15.98 -42.38 32.31
N PRO A 806 -16.78 -41.62 33.06
CA PRO A 806 -16.20 -40.52 33.84
C PRO A 806 -15.22 -41.05 34.89
N GLY A 807 -14.13 -40.29 35.09
CA GLY A 807 -12.98 -40.73 35.86
C GLY A 807 -12.03 -41.66 35.14
N ALA A 808 -12.19 -41.85 33.82
CA ALA A 808 -11.23 -42.58 33.02
C ALA A 808 -10.14 -41.64 32.51
N PRO A 809 -8.96 -42.19 32.13
CA PRO A 809 -7.86 -41.32 31.76
C PRO A 809 -8.14 -40.50 30.51
N GLN A 810 -7.50 -39.33 30.45
CA GLN A 810 -7.47 -38.32 29.40
C GLN A 810 -7.10 -38.91 28.04
N PRO A 811 -8.07 -39.01 27.11
CA PRO A 811 -7.80 -39.75 25.87
C PRO A 811 -6.94 -39.01 24.85
N ILE A 812 -6.94 -39.58 23.66
CA ILE A 812 -6.07 -39.25 22.54
C ILE A 812 -6.80 -38.13 21.81
N PRO A 813 -6.13 -37.29 21.00
CA PRO A 813 -6.88 -36.41 20.09
C PRO A 813 -7.32 -37.16 18.86
N ARG A 814 -8.60 -36.99 18.50
CA ARG A 814 -9.24 -37.80 17.47
C ARG A 814 -9.57 -37.05 16.18
N LEU A 815 -9.80 -35.74 16.25
CA LEU A 815 -10.23 -34.91 15.12
C LEU A 815 -9.11 -33.93 14.78
N PHE A 816 -8.63 -34.00 13.52
CA PHE A 816 -7.50 -33.21 13.02
C PHE A 816 -7.93 -32.30 11.87
N PHE A 817 -7.21 -31.18 11.69
CA PHE A 817 -7.57 -30.19 10.68
C PHE A 817 -6.40 -29.79 9.80
N ALA A 818 -6.64 -29.69 8.50
CA ALA A 818 -5.64 -29.18 7.57
C ALA A 818 -6.35 -28.49 6.42
N GLY A 819 -5.57 -28.04 5.45
CA GLY A 819 -6.15 -27.12 4.49
C GLY A 819 -5.53 -25.72 4.56
N GLU A 820 -5.76 -24.95 3.50
CA GLU A 820 -5.10 -23.67 3.36
C GLU A 820 -5.45 -22.71 4.47
N HIS A 821 -6.59 -22.87 5.11
CA HIS A 821 -6.92 -21.99 6.23
C HIS A 821 -6.23 -22.39 7.54
N THR A 822 -5.35 -23.40 7.56
CA THR A 822 -4.80 -23.93 8.81
C THR A 822 -3.31 -23.73 8.97
N ILE A 823 -2.68 -22.96 8.09
CA ILE A 823 -1.22 -22.88 8.01
C ILE A 823 -0.87 -21.41 8.13
N ARG A 824 -0.57 -20.96 9.32
CA ARG A 824 -0.44 -19.51 9.57
C ARG A 824 0.58 -18.87 8.67
N ASN A 825 1.70 -19.49 8.53
CA ASN A 825 2.74 -18.85 7.71
C ASN A 825 2.38 -18.78 6.25
N TYR A 826 1.74 -19.77 5.65
CA TYR A 826 1.54 -19.65 4.19
C TYR A 826 0.11 -19.94 3.80
N PRO A 827 -0.89 -19.19 4.24
CA PRO A 827 -2.25 -19.47 3.91
C PRO A 827 -2.71 -19.08 2.53
N ALA A 828 -3.92 -19.48 2.20
CA ALA A 828 -4.58 -19.13 0.93
C ALA A 828 -3.69 -19.43 -0.23
N THR A 829 -3.16 -20.62 -0.28
CA THR A 829 -2.23 -20.89 -1.38
C THR A 829 -2.16 -22.37 -1.59
N VAL A 830 -1.82 -22.81 -2.77
CA VAL A 830 -1.74 -24.27 -2.93
C VAL A 830 -0.63 -24.83 -2.09
N HIS A 831 0.49 -24.19 -1.97
CA HIS A 831 1.56 -24.84 -1.20
C HIS A 831 1.12 -24.96 0.24
N GLY A 832 0.56 -23.90 0.76
CA GLY A 832 0.12 -23.84 2.16
C GLY A 832 -0.80 -24.98 2.42
N ALA A 833 -1.69 -25.24 1.53
CA ALA A 833 -2.47 -26.46 1.70
C ALA A 833 -1.54 -27.66 1.79
N LEU A 834 -0.78 -27.91 0.72
CA LEU A 834 0.13 -29.05 0.67
C LEU A 834 0.93 -29.22 1.96
N LEU A 835 1.55 -28.15 2.42
CA LEU A 835 2.35 -28.25 3.63
C LEU A 835 1.49 -28.70 4.80
N SER A 836 0.30 -28.11 4.96
CA SER A 836 -0.54 -28.45 6.10
C SER A 836 -0.92 -29.92 6.06
N GLY A 837 -1.18 -30.45 4.86
CA GLY A 837 -1.36 -31.88 4.65
C GLY A 837 -0.20 -32.66 5.23
N LEU A 838 1.02 -32.37 4.76
CA LEU A 838 2.19 -33.03 5.32
C LEU A 838 2.26 -32.86 6.83
N ARG A 839 1.91 -31.67 7.32
CA ARG A 839 1.93 -31.41 8.76
C ARG A 839 1.05 -32.39 9.50
N GLU A 840 -0.27 -32.35 9.30
CA GLU A 840 -1.11 -33.23 10.09
C GLU A 840 -0.67 -34.68 9.95
N ALA A 841 -0.27 -35.10 8.74
CA ALA A 841 0.17 -36.49 8.55
C ALA A 841 1.29 -36.85 9.51
N GLY A 842 2.31 -36.02 9.60
CA GLY A 842 3.30 -36.20 10.64
C GLY A 842 2.68 -36.27 12.03
N ARG A 843 1.74 -35.37 12.32
CA ARG A 843 1.19 -35.31 13.68
C ARG A 843 0.39 -36.57 14.01
N ILE A 844 -0.46 -37.01 13.08
CA ILE A 844 -1.27 -38.21 13.29
C ILE A 844 -0.37 -39.42 13.46
N ALA A 845 0.65 -39.54 12.60
CA ALA A 845 1.55 -40.68 12.68
C ALA A 845 2.21 -40.73 14.05
N ASP A 846 2.85 -39.64 14.45
CA ASP A 846 3.44 -39.46 15.77
C ASP A 846 2.49 -39.94 16.87
N GLN A 847 1.20 -39.83 16.61
CA GLN A 847 0.22 -40.07 17.67
C GLN A 847 -0.22 -41.53 17.73
N PHE A 848 -0.42 -42.17 16.59
CA PHE A 848 -0.97 -43.52 16.54
C PHE A 848 0.10 -44.55 16.23
N LEU A 849 1.29 -44.12 15.85
CA LEU A 849 2.37 -44.99 15.49
C LEU A 849 3.57 -44.83 16.40
N GLY A 850 3.61 -43.79 17.23
CA GLY A 850 4.76 -43.50 18.08
C GLY A 850 5.94 -42.94 17.33
N ALA A 851 6.78 -42.17 18.02
CA ALA A 851 7.90 -41.48 17.39
C ALA A 851 9.19 -41.84 18.12
N MET A 852 9.87 -42.89 17.66
CA MET A 852 11.01 -43.39 18.42
C MET A 852 12.22 -42.46 18.37
N TYR A 853 12.17 -41.40 17.55
CA TYR A 853 13.29 -40.48 17.29
C TYR A 853 13.43 -39.36 18.33
N THR A 854 12.59 -39.34 19.38
CA THR A 854 12.56 -38.28 20.38
C THR A 854 13.35 -38.64 21.64
N LEU A 855 14.10 -39.77 21.63
CA LEU A 855 14.88 -40.28 22.77
C LEU A 855 16.33 -39.69 22.84
N ARG B 12 9.72 5.26 10.44
CA ARG B 12 9.77 6.31 11.46
C ARG B 12 9.21 7.63 10.90
N LYS B 13 9.46 7.88 9.62
CA LYS B 13 8.92 9.07 8.98
C LYS B 13 8.00 8.61 7.85
N PRO B 14 6.92 9.34 7.56
CA PRO B 14 6.01 8.92 6.47
C PRO B 14 6.73 8.97 5.14
N PRO B 15 6.15 8.38 4.10
CA PRO B 15 6.74 8.52 2.76
C PRO B 15 6.86 9.99 2.38
N LYS B 16 7.78 10.28 1.47
CA LYS B 16 7.95 11.67 1.06
C LYS B 16 6.74 12.11 0.26
N GLY B 17 6.22 13.31 0.56
CA GLY B 17 5.01 13.78 -0.08
C GLY B 17 3.73 13.23 0.51
N MET B 18 3.83 12.51 1.63
CA MET B 18 2.68 12.05 2.38
C MET B 18 2.60 12.85 3.67
N PHE B 19 1.41 13.34 3.98
CA PHE B 19 1.25 14.23 5.11
C PHE B 19 0.20 13.60 6.01
N LEU B 20 0.65 13.07 7.14
CA LEU B 20 -0.18 12.28 8.03
C LEU B 20 0.31 12.69 9.41
N SER B 21 -0.36 13.64 10.05
CA SER B 21 0.09 14.02 11.37
C SER B 21 -0.91 13.52 12.40
N GLN B 22 -0.41 13.28 13.61
CA GLN B 22 -1.28 12.77 14.64
C GLN B 22 -2.49 13.69 14.79
N GLU B 23 -2.24 14.98 15.04
CA GLU B 23 -3.33 15.96 15.11
C GLU B 23 -4.33 15.78 13.96
N ASP B 24 -3.84 15.49 12.76
CA ASP B 24 -4.69 15.54 11.58
C ASP B 24 -5.71 14.41 11.56
N VAL B 25 -5.37 13.24 12.11
CA VAL B 25 -6.17 12.06 11.84
C VAL B 25 -7.44 12.03 12.69
N GLU B 26 -7.36 12.37 13.99
CA GLU B 26 -8.60 12.54 14.75
C GLU B 26 -9.51 13.51 14.03
N ALA B 27 -8.76 14.48 13.57
CA ALA B 27 -9.20 15.62 12.77
C ALA B 27 -10.23 15.11 11.82
N VAL B 28 -9.83 14.15 11.02
CA VAL B 28 -10.75 13.67 9.97
C VAL B 28 -11.55 12.50 10.48
N SER B 29 -11.27 12.01 11.66
CA SER B 29 -12.02 10.78 11.98
C SER B 29 -12.98 10.93 13.15
N ALA B 30 -13.26 12.14 13.60
CA ALA B 30 -14.20 12.24 14.73
C ALA B 30 -15.57 11.70 14.34
N ASN B 31 -16.04 11.93 13.12
CA ASN B 31 -17.36 11.38 12.74
C ASN B 31 -17.35 11.04 11.27
N ALA B 32 -18.36 10.35 10.78
CA ALA B 32 -18.38 9.99 9.36
C ALA B 32 -18.37 11.22 8.48
N THR B 33 -19.08 12.28 8.82
CA THR B 33 -19.12 13.42 7.88
C THR B 33 -17.95 14.37 8.10
N ALA B 34 -17.17 14.17 9.15
CA ALA B 34 -16.08 15.10 9.47
C ALA B 34 -15.08 15.20 8.34
N ALA B 35 -14.79 14.10 7.67
CA ALA B 35 -13.82 14.22 6.59
C ALA B 35 -14.37 15.17 5.55
N THR B 36 -15.60 15.01 5.12
CA THR B 36 -16.04 15.96 4.08
C THR B 36 -16.20 17.32 4.69
N THR B 37 -16.69 17.36 5.92
CA THR B 37 -16.97 18.65 6.56
C THR B 37 -15.71 19.48 6.59
N VAL B 38 -14.58 18.92 6.96
CA VAL B 38 -13.36 19.75 6.98
C VAL B 38 -13.06 20.19 5.57
N LEU B 39 -13.01 19.24 4.67
CA LEU B 39 -12.63 19.62 3.32
C LEU B 39 -13.59 20.63 2.67
N ARG B 40 -14.79 20.81 3.22
CA ARG B 40 -15.60 21.93 2.76
C ARG B 40 -15.15 23.24 3.38
N GLN B 41 -14.76 23.23 4.66
CA GLN B 41 -14.15 24.41 5.27
C GLN B 41 -13.01 24.96 4.44
N LEU B 42 -12.11 24.09 4.03
CA LEU B 42 -10.94 24.55 3.29
C LEU B 42 -11.33 25.02 1.90
N ASP B 43 -12.33 24.37 1.28
CA ASP B 43 -12.83 24.89 0.02
C ASP B 43 -13.42 26.29 0.16
N MET B 44 -14.02 26.59 1.31
CA MET B 44 -14.63 27.90 1.53
C MET B 44 -13.58 28.93 1.90
N GLU B 45 -12.64 28.55 2.77
CA GLU B 45 -11.49 29.39 3.04
C GLU B 45 -10.74 29.76 1.78
N LEU B 46 -10.72 28.87 0.79
CA LEU B 46 -9.97 29.17 -0.42
C LEU B 46 -10.70 30.23 -1.23
N VAL B 47 -11.98 30.01 -1.51
CA VAL B 47 -12.74 30.97 -2.33
C VAL B 47 -12.80 32.34 -1.68
N SER B 48 -12.88 32.40 -0.34
CA SER B 48 -12.87 33.68 0.37
C SER B 48 -11.59 34.48 0.12
N VAL B 49 -10.44 33.89 0.46
CA VAL B 49 -9.16 34.52 0.15
C VAL B 49 -9.06 34.80 -1.33
N LYS B 50 -9.67 33.97 -2.16
CA LYS B 50 -9.50 34.15 -3.59
C LYS B 50 -10.13 35.46 -4.05
N ARG B 51 -11.35 35.76 -3.59
CA ARG B 51 -11.92 37.03 -4.02
C ARG B 51 -11.34 38.21 -3.24
N GLN B 52 -10.96 38.02 -1.98
CA GLN B 52 -10.29 39.12 -1.31
C GLN B 52 -9.02 39.52 -2.06
N ILE B 53 -8.41 38.60 -2.82
CA ILE B 53 -7.38 39.04 -3.75
C ILE B 53 -7.96 39.94 -4.83
N GLN B 54 -8.97 39.48 -5.57
CA GLN B 54 -9.43 40.38 -6.64
C GLN B 54 -10.06 41.67 -6.13
N ASN B 55 -10.47 41.74 -4.87
CA ASN B 55 -10.84 43.02 -4.30
C ASN B 55 -9.64 43.97 -4.28
N ILE B 56 -8.64 43.67 -3.45
CA ILE B 56 -7.41 44.45 -3.39
C ILE B 56 -6.71 44.54 -4.73
N LYS B 57 -6.89 43.56 -5.60
CA LYS B 57 -6.27 43.69 -6.91
C LYS B 57 -6.86 44.89 -7.65
N GLN B 58 -8.17 45.14 -7.48
CA GLN B 58 -8.85 46.25 -8.12
C GLN B 58 -8.67 47.56 -7.35
N THR B 59 -8.66 47.50 -6.01
CA THR B 59 -8.34 48.68 -5.22
C THR B 59 -6.94 49.21 -5.54
N ASN B 60 -5.94 48.33 -5.59
CA ASN B 60 -4.63 48.77 -6.03
C ASN B 60 -4.60 49.16 -7.49
N SER B 61 -5.53 48.65 -8.30
CA SER B 61 -5.58 49.04 -9.71
C SER B 61 -5.98 50.51 -9.86
N ALA B 62 -6.91 50.97 -9.02
CA ALA B 62 -7.30 52.38 -9.06
C ALA B 62 -6.17 53.28 -8.57
N LEU B 63 -5.60 52.97 -7.38
CA LEU B 63 -4.52 53.80 -6.86
C LEU B 63 -3.34 53.83 -7.83
N LYS B 64 -3.16 52.74 -8.57
CA LYS B 64 -2.07 52.68 -9.54
C LYS B 64 -2.29 53.70 -10.65
N GLU B 65 -3.56 53.95 -11.01
CA GLU B 65 -3.87 54.91 -12.07
C GLU B 65 -3.73 56.36 -11.64
N LYS B 66 -4.16 56.69 -10.42
CA LYS B 66 -3.97 58.05 -9.91
C LYS B 66 -2.51 58.49 -10.03
N LEU B 67 -1.56 57.57 -9.92
CA LEU B 67 -0.15 57.94 -10.01
C LEU B 67 0.36 58.03 -11.45
N ASP B 68 -0.49 58.26 -12.45
CA ASP B 68 0.09 58.34 -13.80
C ASP B 68 0.98 59.58 -13.92
N GLY B 69 1.82 59.59 -14.95
CA GLY B 69 2.77 60.67 -15.13
C GLY B 69 3.88 60.68 -14.09
N GLY B 70 3.75 59.83 -13.07
CA GLY B 70 4.69 59.87 -11.95
C GLY B 70 4.72 61.25 -11.32
N ILE B 71 5.93 61.74 -11.07
CA ILE B 71 6.13 63.09 -10.57
C ILE B 71 7.06 63.82 -11.51
N GLU B 72 6.97 63.55 -12.80
CA GLU B 72 7.99 64.06 -13.68
C GLU B 72 7.75 65.52 -14.05
N PRO B 73 6.50 66.00 -14.07
CA PRO B 73 6.34 67.46 -14.12
C PRO B 73 6.97 68.17 -12.96
N TYR B 74 6.95 67.56 -11.77
CA TYR B 74 7.21 68.34 -10.57
C TYR B 74 8.68 68.30 -10.19
N ARG B 75 9.49 67.52 -10.92
CA ARG B 75 10.94 67.51 -10.77
C ARG B 75 11.55 68.87 -10.96
N LEU B 76 12.66 69.07 -10.26
CA LEU B 76 13.43 70.29 -10.32
C LEU B 76 14.85 69.95 -10.70
N PRO B 77 15.43 70.59 -11.72
CA PRO B 77 16.81 70.29 -12.12
C PRO B 77 17.80 70.30 -10.96
N GLU B 78 18.88 69.54 -11.14
CA GLU B 78 19.93 69.41 -10.12
C GLU B 78 20.84 70.63 -10.15
N VAL B 79 21.01 71.26 -8.99
CA VAL B 79 21.93 72.39 -8.86
C VAL B 79 23.30 71.84 -8.46
N ILE B 80 24.30 72.17 -9.27
CA ILE B 80 25.64 71.63 -9.11
C ILE B 80 26.50 72.78 -8.60
N GLN B 81 26.77 72.84 -7.30
CA GLN B 81 27.61 73.90 -6.74
C GLN B 81 28.90 73.34 -6.16
N LYS B 82 30.03 73.81 -6.68
CA LYS B 82 31.28 73.69 -5.95
C LYS B 82 31.12 74.34 -4.58
N CYS B 83 31.61 73.65 -3.57
CA CYS B 83 31.39 73.99 -2.14
C CYS B 83 32.49 74.88 -1.56
N ASN B 84 32.31 76.19 -1.60
CA ASN B 84 33.21 77.26 -1.12
C ASN B 84 33.22 77.32 0.42
N ALA B 85 34.24 77.87 1.08
CA ALA B 85 34.12 77.91 2.54
C ALA B 85 34.06 79.34 3.06
N ARG B 86 33.93 80.33 2.20
CA ARG B 86 33.82 81.71 2.73
C ARG B 86 32.37 81.92 3.16
N TRP B 87 32.10 82.83 4.08
CA TRP B 87 30.68 83.00 4.46
C TRP B 87 30.18 84.37 4.07
N THR B 88 29.38 84.50 3.03
CA THR B 88 28.86 85.85 2.78
C THR B 88 27.82 86.11 3.83
N THR B 89 27.48 87.37 4.03
CA THR B 89 26.44 87.73 5.01
C THR B 89 25.15 87.08 4.57
N GLU B 90 24.85 87.18 3.29
CA GLU B 90 23.70 86.52 2.66
C GLU B 90 23.72 85.07 3.08
N GLU B 91 24.86 84.43 2.93
CA GLU B 91 24.88 83.04 3.36
C GLU B 91 24.71 82.91 4.87
N GLN B 92 25.08 83.95 5.64
CA GLN B 92 24.83 83.85 7.07
C GLN B 92 23.35 83.96 7.38
N LEU B 93 22.65 84.91 6.74
CA LEU B 93 21.24 85.13 7.05
C LEU B 93 20.40 83.93 6.60
N LEU B 94 20.73 83.37 5.44
CA LEU B 94 20.12 82.13 4.98
C LEU B 94 20.23 81.03 6.05
N ALA B 95 21.41 80.93 6.67
CA ALA B 95 21.66 79.94 7.72
C ALA B 95 20.70 80.12 8.88
N VAL B 96 20.79 81.27 9.56
CA VAL B 96 19.94 81.58 10.71
C VAL B 96 18.47 81.32 10.44
N GLN B 97 18.05 81.48 9.20
CA GLN B 97 16.65 81.21 8.89
C GLN B 97 16.40 79.71 8.81
N ALA B 98 17.33 78.98 8.19
CA ALA B 98 17.25 77.53 8.09
C ALA B 98 17.25 76.86 9.46
N ILE B 99 18.10 77.35 10.37
CA ILE B 99 18.08 76.85 11.73
C ILE B 99 16.67 76.93 12.28
N ARG B 100 16.12 78.12 12.26
CA ARG B 100 14.82 78.29 12.92
C ARG B 100 13.79 77.48 12.18
N LYS B 101 13.97 77.25 10.90
CA LYS B 101 12.91 76.45 10.28
C LYS B 101 13.33 75.00 10.36
N TYR B 102 14.60 74.71 10.54
CA TYR B 102 14.90 73.26 10.45
C TYR B 102 15.46 72.65 11.72
N GLY B 103 15.44 73.31 12.87
CA GLY B 103 16.03 72.60 14.02
C GLY B 103 17.51 72.28 13.79
N ARG B 104 17.90 71.02 13.90
CA ARG B 104 19.32 70.65 13.73
C ARG B 104 19.48 69.65 12.59
N ASP B 105 18.71 69.76 11.52
CA ASP B 105 19.00 68.81 10.43
C ASP B 105 20.06 69.51 9.61
N PHE B 106 21.31 69.25 9.90
CA PHE B 106 22.35 70.01 9.18
C PHE B 106 22.29 69.77 7.68
N GLN B 107 22.06 68.53 7.27
CA GLN B 107 22.05 68.17 5.84
C GLN B 107 21.10 69.09 5.13
N ALA B 108 19.86 69.09 5.60
CA ALA B 108 18.90 70.04 5.03
C ALA B 108 19.45 71.46 5.05
N ILE B 109 19.90 71.93 6.22
CA ILE B 109 20.47 73.28 6.27
C ILE B 109 21.56 73.44 5.23
N SER B 110 22.47 72.48 5.15
CA SER B 110 23.45 72.51 4.06
C SER B 110 22.80 72.52 2.69
N ASP B 111 21.69 71.78 2.53
CA ASP B 111 21.03 71.79 1.23
C ASP B 111 20.50 73.18 0.90
N VAL B 112 20.06 73.92 1.92
CA VAL B 112 19.42 75.22 1.67
C VAL B 112 20.47 76.25 1.25
N ILE B 113 21.54 76.38 2.04
CA ILE B 113 22.57 77.36 1.74
C ILE B 113 23.27 77.02 0.44
N GLY B 114 23.47 75.74 0.17
CA GLY B 114 23.87 75.29 -1.15
C GLY B 114 25.35 75.19 -1.44
N ASN B 115 26.16 76.08 -0.88
CA ASN B 115 27.60 75.98 -1.08
C ASN B 115 28.34 75.74 0.22
N LYS B 116 27.67 75.21 1.24
CA LYS B 116 28.37 74.86 2.46
C LYS B 116 28.01 73.41 2.75
N SER B 117 29.03 72.56 2.86
CA SER B 117 28.77 71.17 3.21
C SER B 117 28.45 71.11 4.70
N VAL B 118 28.28 69.88 5.19
CA VAL B 118 27.59 69.71 6.46
C VAL B 118 28.54 70.04 7.61
N VAL B 119 29.83 69.91 7.37
CA VAL B 119 30.78 70.18 8.44
C VAL B 119 30.75 71.66 8.78
N GLN B 120 30.78 72.55 7.76
CA GLN B 120 30.86 73.98 8.08
C GLN B 120 29.61 74.43 8.80
N VAL B 121 28.46 73.88 8.42
CA VAL B 121 27.21 74.14 9.15
C VAL B 121 27.43 73.91 10.64
N LYS B 122 27.95 72.74 11.00
CA LYS B 122 28.25 72.47 12.41
C LYS B 122 29.30 73.42 12.98
N ASN B 123 30.37 73.72 12.23
CA ASN B 123 31.32 74.73 12.71
C ASN B 123 30.66 76.10 12.85
N PHE B 124 29.84 76.48 11.87
CA PHE B 124 29.03 77.68 11.99
C PHE B 124 28.32 77.73 13.35
N PHE B 125 27.63 76.64 13.70
CA PHE B 125 26.82 76.59 14.91
C PHE B 125 27.54 77.07 16.15
N VAL B 126 28.87 77.05 16.18
CA VAL B 126 29.64 77.44 17.35
C VAL B 126 30.37 78.76 17.14
N ASN B 127 30.95 78.96 15.96
CA ASN B 127 31.67 80.21 15.72
C ASN B 127 30.76 81.42 15.90
N TYR B 128 29.65 81.44 15.17
CA TYR B 128 28.68 82.51 15.25
C TYR B 128 27.59 82.23 16.28
N ARG B 129 27.86 81.34 17.23
CA ARG B 129 26.82 80.93 18.16
C ARG B 129 26.39 82.06 19.07
N ARG B 130 27.34 82.90 19.47
CA ARG B 130 27.01 84.02 20.34
C ARG B 130 26.22 85.07 19.59
N ARG B 131 26.75 85.46 18.42
CA ARG B 131 26.39 86.69 17.73
C ARG B 131 25.04 86.59 17.01
N PHE B 132 24.70 85.40 16.52
CA PHE B 132 23.41 85.14 15.92
C PHE B 132 22.45 84.54 16.94
N ASN B 133 22.88 84.47 18.20
CA ASN B 133 22.01 84.14 19.31
C ASN B 133 21.37 82.76 19.11
N ILE B 134 22.13 81.83 18.52
CA ILE B 134 21.67 80.51 18.07
C ILE B 134 20.79 79.85 19.11
N ASP B 135 21.29 79.85 20.34
CA ASP B 135 20.62 79.15 21.44
C ASP B 135 19.13 79.44 21.44
N GLU B 136 18.78 80.74 21.50
CA GLU B 136 17.37 81.11 21.46
C GLU B 136 16.67 80.52 20.25
N VAL B 137 17.25 80.68 19.08
CA VAL B 137 16.57 80.22 17.84
C VAL B 137 16.20 78.76 17.97
N LEU B 138 17.08 78.05 18.64
CA LEU B 138 16.79 76.62 18.77
C LEU B 138 15.62 76.40 19.68
N GLN B 139 15.51 77.18 20.75
CA GLN B 139 14.35 76.98 21.64
C GLN B 139 13.09 77.31 20.85
N GLU B 140 13.13 78.38 20.07
CA GLU B 140 11.97 78.76 19.25
C GLU B 140 11.73 77.61 18.30
N TRP B 141 12.75 77.05 17.66
CA TRP B 141 12.45 75.89 16.79
C TRP B 141 12.00 74.69 17.59
N GLU B 142 12.47 74.54 18.82
CA GLU B 142 11.95 73.45 19.68
C GLU B 142 10.48 73.71 20.00
N ALA B 143 10.05 74.95 20.14
CA ALA B 143 8.65 75.21 20.52
C ALA B 143 7.66 74.60 19.54
N GLU B 144 7.92 74.61 18.24
CA GLU B 144 6.93 73.99 17.35
C GLU B 144 6.93 72.48 17.61
#